data_1S0I
#
_entry.id   1S0I
#
_cell.length_a   54.296
_cell.length_b   129.443
_cell.length_c   54.316
_cell.angle_alpha   90.00
_cell.angle_beta   107.94
_cell.angle_gamma   90.00
#
_symmetry.space_group_name_H-M   'P 1 21 1'
#
loop_
_entity.id
_entity.type
_entity.pdbx_description
1 polymer trans-sialidase
2 branched 'N-acetyl-alpha-neuraminic acid-(2-3)-beta-D-galactopyranose-(1-4)-alpha-D-glucopyranose'
3 water water
#
_entity_poly.entity_id   1
_entity_poly.type   'polypeptide(L)'
_entity_poly.pdbx_seq_one_letter_code
;MGGSHHHHHHGMASLAPGSSRVELFKRQSSKVPFEKDGKVTERVVHSFRLPALVNVDGVMVAIADARYETSFANSLIDTV
AKYSVDDGETWETQIAIKNSRASSVSRVVDPTVIVKGNKLYVLVGSYNSSRSYWTSHGDARDWDILLAVGEVTKSTAGGK
ITASIKWGSPVSLKEFFPAEMEGMHTNQFLGGAGVAIVASNGNLVYPVQVTNKKKQVFSKIFYSEDEGKTWKFGKGRSAF
GCSEPVALEWEGKLIINTRVDYRRRLVYESSDMGNTWLEAVGTLSRVWGPSPKSNQPGSQSSFTAVTIEGMRVMLFTHPL
NFKGRWLRDRLNLWLTDNQRIYNVGQVSIGDENSAYSSVLYKDDKLYCLHEINSNEVYSLVFARLVGELRIIKSVLQSWK
NWDSHLSSICTPADPAASSSERGCGPAVTTVGLVGFLSHSATKTEWEDAYRCVNASTANAERVPNGLKFAGVGGGALWPV
SQQGQNQRYHFANHAFTLVASVTIHEVPKGASPLLGASLDSSGGKKLLGLSYDKRHQWQPIYGSTPVTPTGSWEMGKRYH
VVLTMANKIGSVYIDGEPLEGSGQTVVPDERTPDISHFYVGGYKRSGMPTDSRVTVNNVLLYNRQLNAEEIRTLFLSQDL
IGTEAHMD
;
_entity_poly.pdbx_strand_id   A
#
loop_
_chem_comp.id
_chem_comp.type
_chem_comp.name
_chem_comp.formula
GAL D-saccharide, beta linking beta-D-galactopyranose 'C6 H12 O6'
GLC D-saccharide, alpha linking alpha-D-glucopyranose 'C6 H12 O6'
SIA D-saccharide, alpha linking 'N-acetyl-alpha-neuraminic acid' 'C11 H19 N O9'
#
# COMPACT_ATOMS: atom_id res chain seq x y z
N LEU A 15 7.83 -11.21 14.47
CA LEU A 15 8.35 -12.13 13.41
C LEU A 15 7.51 -13.41 13.46
N ALA A 16 7.09 -13.88 12.29
CA ALA A 16 6.22 -15.04 12.23
C ALA A 16 6.97 -16.32 12.59
N PRO A 17 6.25 -17.40 12.86
CA PRO A 17 6.89 -18.68 13.19
C PRO A 17 7.82 -19.13 12.10
N GLY A 18 9.03 -19.48 12.51
CA GLY A 18 10.01 -19.97 11.58
C GLY A 18 10.92 -18.84 11.15
N SER A 19 10.52 -17.60 11.40
CA SER A 19 11.35 -16.45 11.03
C SER A 19 12.41 -16.15 12.09
N SER A 20 13.46 -15.45 11.67
CA SER A 20 14.50 -15.08 12.62
C SER A 20 15.29 -13.93 12.08
N ARG A 21 16.14 -13.35 12.91
CA ARG A 21 16.98 -12.24 12.45
C ARG A 21 18.30 -12.17 13.18
N VAL A 22 19.22 -11.37 12.62
CA VAL A 22 20.45 -11.03 13.32
C VAL A 22 20.66 -9.53 13.19
N GLU A 23 21.49 -8.97 14.04
CA GLU A 23 21.86 -7.56 13.89
C GLU A 23 23.00 -7.54 12.90
N LEU A 24 22.78 -7.03 11.69
CA LEU A 24 23.78 -7.09 10.62
C LEU A 24 24.70 -5.88 10.58
N PHE A 25 24.10 -4.70 10.55
CA PHE A 25 24.88 -3.48 10.65
C PHE A 25 24.71 -3.06 12.10
N LYS A 26 25.74 -3.32 12.93
CA LYS A 26 25.60 -3.20 14.38
C LYS A 26 26.05 -1.83 14.87
N ARG A 27 25.13 -1.04 15.41
CA ARG A 27 25.48 0.30 15.90
C ARG A 27 26.64 0.28 16.92
N GLN A 28 27.52 1.25 16.83
CA GLN A 28 28.67 1.38 17.75
C GLN A 28 29.53 0.12 17.84
N SER A 29 29.56 -0.65 16.77
CA SER A 29 30.26 -1.93 16.81
C SER A 29 30.84 -2.26 15.45
N SER A 30 29.96 -2.40 14.44
CA SER A 30 30.44 -2.69 13.11
C SER A 30 31.39 -1.59 12.60
N LYS A 31 32.50 -2.02 12.00
CA LYS A 31 33.47 -1.09 11.41
C LYS A 31 33.40 -1.09 9.89
N VAL A 32 33.80 0.02 9.30
CA VAL A 32 33.83 0.18 7.87
C VAL A 32 35.19 0.79 7.51
N PRO A 33 35.66 0.58 6.30
CA PRO A 33 36.97 1.11 5.88
C PRO A 33 36.86 2.60 5.56
N PHE A 34 37.12 3.42 6.55
CA PHE A 34 37.04 4.88 6.39
C PHE A 34 38.30 5.45 5.70
N GLU A 35 38.09 6.06 4.54
CA GLU A 35 39.20 6.59 3.75
C GLU A 35 39.32 8.10 3.90
N LYS A 36 40.51 8.59 4.22
CA LYS A 36 40.72 10.03 4.30
C LYS A 36 42.17 10.33 4.00
N ASP A 37 42.41 11.28 3.10
CA ASP A 37 43.77 11.70 2.75
C ASP A 37 44.69 10.55 2.37
N GLY A 38 44.15 9.55 1.69
CA GLY A 38 44.96 8.43 1.24
C GLY A 38 45.13 7.29 2.22
N LYS A 39 44.64 7.45 3.44
CA LYS A 39 44.74 6.39 4.43
C LYS A 39 43.36 5.77 4.67
N VAL A 40 43.35 4.47 4.90
CA VAL A 40 42.13 3.77 5.23
C VAL A 40 42.28 3.18 6.63
N THR A 41 41.24 3.35 7.43
CA THR A 41 41.23 2.86 8.80
C THR A 41 39.90 2.20 9.06
N GLU A 42 39.89 1.05 9.76
CA GLU A 42 38.63 0.43 10.13
C GLU A 42 38.04 1.26 11.24
N ARG A 43 36.87 1.87 10.96
CA ARG A 43 36.30 2.84 11.89
C ARG A 43 34.92 2.42 12.34
N VAL A 44 34.69 2.52 13.64
CA VAL A 44 33.41 2.17 14.25
C VAL A 44 32.38 3.20 13.81
N VAL A 45 31.17 2.72 13.52
CA VAL A 45 30.08 3.61 13.09
C VAL A 45 29.01 3.73 14.17
N HIS A 46 28.60 4.95 14.48
CA HIS A 46 27.58 5.18 15.48
C HIS A 46 26.25 4.55 15.05
N SER A 47 25.76 4.94 13.86
CA SER A 47 24.45 4.45 13.42
C SER A 47 24.43 4.06 11.96
N PHE A 48 23.58 3.09 11.64
CA PHE A 48 23.37 2.70 10.27
C PHE A 48 21.89 2.91 10.01
N ARG A 49 21.60 3.60 8.91
CA ARG A 49 20.21 3.91 8.52
C ARG A 49 20.03 3.74 7.01
N LEU A 50 18.80 3.91 6.55
CA LEU A 50 18.52 3.99 5.10
C LEU A 50 18.81 2.67 4.40
N PRO A 51 18.22 1.58 4.87
CA PRO A 51 18.48 0.27 4.26
C PRO A 51 17.94 0.09 2.84
N ALA A 52 18.75 -0.56 1.99
CA ALA A 52 18.31 -0.92 0.65
C ALA A 52 18.90 -2.31 0.43
N LEU A 53 18.04 -3.30 0.25
CA LEU A 53 18.48 -4.70 0.15
C LEU A 53 18.12 -5.21 -1.24
N VAL A 54 19.11 -5.66 -2.01
CA VAL A 54 18.86 -6.05 -3.41
C VAL A 54 19.58 -7.32 -3.80
N ASN A 55 19.21 -7.85 -4.97
CA ASN A 55 19.82 -9.05 -5.53
C ASN A 55 20.44 -8.66 -6.85
N VAL A 56 21.76 -8.80 -6.95
CA VAL A 56 22.43 -8.56 -8.21
C VAL A 56 22.89 -9.92 -8.73
N ASP A 57 22.03 -10.53 -9.56
CA ASP A 57 22.23 -11.85 -10.18
C ASP A 57 22.91 -12.87 -9.25
N GLY A 58 22.35 -13.04 -8.06
CA GLY A 58 22.81 -14.01 -7.09
C GLY A 58 23.59 -13.45 -5.93
N VAL A 59 24.04 -12.22 -6.05
CA VAL A 59 24.76 -11.62 -4.94
C VAL A 59 23.83 -10.68 -4.18
N MET A 60 23.62 -10.96 -2.90
CA MET A 60 22.81 -10.10 -2.03
C MET A 60 23.63 -8.87 -1.70
N VAL A 61 23.06 -7.67 -1.88
CA VAL A 61 23.80 -6.47 -1.53
C VAL A 61 22.93 -5.62 -0.64
N ALA A 62 23.50 -5.18 0.50
CA ALA A 62 22.78 -4.33 1.43
C ALA A 62 23.50 -3.00 1.44
N ILE A 63 22.80 -1.95 1.02
CA ILE A 63 23.35 -0.60 0.99
C ILE A 63 22.69 0.24 2.07
N ALA A 64 23.48 1.11 2.70
CA ALA A 64 22.91 1.93 3.79
C ALA A 64 23.78 3.13 4.06
N ASP A 65 23.27 4.04 4.90
CA ASP A 65 24.09 5.13 5.41
C ASP A 65 24.97 4.60 6.53
N ALA A 66 26.24 5.01 6.54
CA ALA A 66 27.11 4.81 7.70
C ALA A 66 27.28 6.20 8.35
N ARG A 67 26.57 6.42 9.46
CA ARG A 67 26.58 7.72 10.13
C ARG A 67 27.60 7.56 11.25
N TYR A 68 28.79 8.07 10.95
CA TYR A 68 29.95 7.80 11.79
C TYR A 68 29.85 8.25 13.21
N GLU A 69 29.33 9.45 13.44
CA GLU A 69 29.45 10.07 14.76
C GLU A 69 28.14 10.26 15.53
N THR A 70 27.02 10.27 14.82
CA THR A 70 25.74 10.54 15.43
C THR A 70 24.69 10.14 14.40
N SER A 71 23.47 9.93 14.86
CA SER A 71 22.40 9.60 13.91
C SER A 71 21.76 10.88 13.36
N PHE A 72 22.15 12.04 13.87
CA PHE A 72 21.64 13.32 13.36
C PHE A 72 21.83 13.34 11.83
N ALA A 73 20.79 13.80 11.13
CA ALA A 73 20.85 13.76 9.68
C ALA A 73 22.04 14.52 9.08
N ASN A 74 22.37 15.65 9.67
CA ASN A 74 23.32 16.56 9.04
C ASN A 74 24.68 16.43 9.68
N SER A 75 25.26 15.28 9.41
CA SER A 75 26.53 14.88 10.04
C SER A 75 27.33 14.01 9.09
N LEU A 76 28.53 13.58 9.52
CA LEU A 76 29.42 12.83 8.64
C LEU A 76 28.85 11.48 8.24
N ILE A 77 28.61 11.26 6.95
CA ILE A 77 28.00 10.01 6.52
C ILE A 77 28.60 9.57 5.19
N ASP A 78 28.97 8.29 5.09
CA ASP A 78 29.38 7.69 3.81
C ASP A 78 28.33 6.61 3.52
N THR A 79 28.25 6.14 2.28
CA THR A 79 27.35 5.05 1.94
C THR A 79 28.12 3.75 2.07
N VAL A 80 27.63 2.85 2.88
CA VAL A 80 28.29 1.57 3.10
C VAL A 80 27.56 0.48 2.31
N ALA A 81 28.30 -0.57 1.94
CA ALA A 81 27.69 -1.72 1.30
C ALA A 81 28.19 -2.99 1.97
N LYS A 82 27.29 -3.93 2.22
CA LYS A 82 27.68 -5.29 2.67
C LYS A 82 27.16 -6.20 1.58
N TYR A 83 27.94 -7.22 1.19
CA TYR A 83 27.44 -8.14 0.16
C TYR A 83 27.72 -9.58 0.55
N SER A 84 26.86 -10.47 0.07
CA SER A 84 26.92 -11.90 0.41
C SER A 84 26.61 -12.79 -0.78
N VAL A 85 27.36 -13.89 -0.90
CA VAL A 85 27.08 -14.85 -1.95
C VAL A 85 26.48 -16.12 -1.36
N ASP A 86 26.18 -16.10 -0.06
CA ASP A 86 25.59 -17.25 0.62
C ASP A 86 24.27 -16.92 1.33
N ASP A 87 23.49 -16.07 0.68
CA ASP A 87 22.19 -15.64 1.18
C ASP A 87 22.22 -15.13 2.60
N GLY A 88 23.27 -14.38 2.92
CA GLY A 88 23.27 -13.68 4.18
C GLY A 88 23.90 -14.37 5.36
N GLU A 89 24.52 -15.52 5.13
CA GLU A 89 25.20 -16.17 6.23
C GLU A 89 26.46 -15.38 6.55
N THR A 90 27.22 -15.04 5.51
CA THR A 90 28.43 -14.22 5.66
C THR A 90 28.43 -13.05 4.70
N TRP A 91 29.07 -11.96 5.11
CA TRP A 91 29.09 -10.73 4.32
C TRP A 91 30.48 -10.11 4.31
N GLU A 92 30.78 -9.41 3.22
CA GLU A 92 31.99 -8.58 3.10
C GLU A 92 31.50 -7.14 3.23
N THR A 93 32.39 -6.24 3.64
CA THR A 93 32.01 -4.85 3.88
C THR A 93 32.88 -3.89 3.10
N GLN A 94 32.27 -2.83 2.57
CA GLN A 94 33.04 -1.80 1.89
C GLN A 94 32.32 -0.46 2.00
N ILE A 95 33.01 0.60 1.61
CA ILE A 95 32.35 1.90 1.49
C ILE A 95 32.08 2.06 0.00
N ALA A 96 30.80 2.18 -0.35
CA ALA A 96 30.41 2.34 -1.73
C ALA A 96 30.65 3.76 -2.24
N ILE A 97 30.32 4.74 -1.42
CA ILE A 97 30.47 6.14 -1.82
C ILE A 97 30.98 6.93 -0.64
N LYS A 98 32.09 7.65 -0.83
CA LYS A 98 32.55 8.51 0.24
C LYS A 98 32.10 9.92 -0.02
N ASN A 99 31.88 10.66 1.06
CA ASN A 99 31.49 12.06 0.93
C ASN A 99 32.69 12.93 0.56
N SER A 100 32.44 14.23 0.40
CA SER A 100 33.46 15.17 -0.09
C SER A 100 34.61 15.42 0.89
N ARG A 101 34.41 15.06 2.14
CA ARG A 101 35.39 15.33 3.20
C ARG A 101 35.65 16.84 3.36
N ALA A 102 34.71 17.66 2.93
CA ALA A 102 34.92 19.13 3.01
C ALA A 102 34.91 19.68 4.44
N SER A 103 34.09 19.08 5.29
CA SER A 103 33.92 19.55 6.65
C SER A 103 33.57 18.38 7.53
N SER A 104 33.45 18.67 8.83
CA SER A 104 33.11 17.62 9.78
C SER A 104 31.72 17.01 9.59
N VAL A 105 30.88 17.63 8.77
CA VAL A 105 29.52 17.13 8.54
C VAL A 105 29.26 16.80 7.07
N SER A 106 30.31 16.72 6.26
CA SER A 106 30.09 16.33 4.85
C SER A 106 29.42 14.98 4.78
N ARG A 107 28.57 14.81 3.77
CA ARG A 107 27.75 13.59 3.75
C ARG A 107 27.19 13.30 2.38
N VAL A 108 27.14 12.01 2.06
CA VAL A 108 26.31 11.53 0.95
C VAL A 108 25.12 10.88 1.60
N VAL A 109 23.94 11.21 1.08
CA VAL A 109 22.74 10.87 1.83
C VAL A 109 21.64 10.17 1.06
N ASP A 110 20.84 9.42 1.81
CA ASP A 110 19.62 8.77 1.33
C ASP A 110 19.81 8.01 0.04
N PRO A 111 20.73 7.06 0.06
CA PRO A 111 21.07 6.32 -1.17
C PRO A 111 19.85 5.63 -1.75
N THR A 112 19.70 5.74 -3.05
CA THR A 112 18.55 5.10 -3.74
C THR A 112 19.16 4.19 -4.80
N VAL A 113 18.76 2.93 -4.79
CA VAL A 113 19.47 1.92 -5.55
C VAL A 113 18.66 1.32 -6.68
N ILE A 114 19.30 1.14 -7.83
CA ILE A 114 18.70 0.39 -8.94
C ILE A 114 19.69 -0.69 -9.36
N VAL A 115 19.18 -1.90 -9.53
CA VAL A 115 20.01 -3.00 -10.01
C VAL A 115 19.74 -3.18 -11.48
N LYS A 116 20.79 -3.22 -12.30
CA LYS A 116 20.56 -3.57 -13.70
C LYS A 116 21.76 -4.36 -14.17
N GLY A 117 21.52 -5.53 -14.74
CA GLY A 117 22.62 -6.39 -15.13
C GLY A 117 23.47 -6.71 -13.90
N ASN A 118 24.77 -6.51 -14.02
CA ASN A 118 25.63 -6.73 -12.87
C ASN A 118 26.02 -5.40 -12.23
N LYS A 119 25.21 -4.37 -12.45
CA LYS A 119 25.52 -3.01 -11.96
C LYS A 119 24.57 -2.55 -10.89
N LEU A 120 25.11 -1.85 -9.90
CA LEU A 120 24.31 -1.17 -8.88
C LEU A 120 24.40 0.32 -9.18
N TYR A 121 23.26 0.98 -9.38
CA TYR A 121 23.30 2.40 -9.61
C TYR A 121 22.82 3.02 -8.30
N VAL A 122 23.66 3.84 -7.67
CA VAL A 122 23.28 4.42 -6.39
C VAL A 122 23.27 5.95 -6.52
N LEU A 123 22.11 6.54 -6.22
CA LEU A 123 21.90 7.97 -6.32
C LEU A 123 21.88 8.53 -4.91
N VAL A 124 22.77 9.48 -4.64
CA VAL A 124 22.83 10.12 -3.33
C VAL A 124 22.89 11.63 -3.45
N GLY A 125 22.24 12.32 -2.50
CA GLY A 125 22.49 13.75 -2.36
C GLY A 125 23.85 13.93 -1.72
N SER A 126 24.50 15.08 -1.94
CA SER A 126 25.78 15.34 -1.30
C SER A 126 25.74 16.73 -0.68
N TYR A 127 26.17 16.85 0.56
CA TYR A 127 26.21 18.14 1.26
C TYR A 127 27.59 18.35 1.80
N ASN A 128 28.08 19.57 1.76
CA ASN A 128 29.44 19.83 2.25
C ASN A 128 29.53 20.28 3.69
N SER A 129 28.70 21.24 4.08
CA SER A 129 28.85 21.78 5.44
C SER A 129 27.57 22.20 6.19
N SER A 130 26.41 22.11 5.56
CA SER A 130 25.21 22.57 6.26
C SER A 130 24.84 21.68 7.42
N ARG A 131 24.43 22.31 8.52
CA ARG A 131 23.86 21.57 9.65
C ARG A 131 22.31 21.64 9.64
N SER A 132 21.73 22.29 8.63
CA SER A 132 20.26 22.42 8.52
C SER A 132 19.65 21.34 7.65
N TYR A 133 18.43 20.93 7.97
CA TYR A 133 17.70 19.93 7.18
C TYR A 133 17.47 20.45 5.77
N TRP A 134 17.56 19.54 4.80
CA TRP A 134 17.61 19.99 3.42
C TRP A 134 16.44 20.83 2.94
N THR A 135 15.21 20.54 3.40
CA THR A 135 14.08 21.32 2.87
C THR A 135 14.02 22.70 3.49
N SER A 136 14.88 22.96 4.47
CA SER A 136 14.93 24.30 5.03
C SER A 136 15.89 25.21 4.28
N HIS A 137 16.71 24.66 3.39
CA HIS A 137 17.65 25.49 2.62
C HIS A 137 16.88 26.38 1.65
N GLY A 138 17.31 27.64 1.56
CA GLY A 138 16.68 28.58 0.63
C GLY A 138 17.28 28.45 -0.76
N ASP A 139 18.45 27.82 -0.84
CA ASP A 139 19.06 27.56 -2.14
C ASP A 139 19.96 26.35 -2.08
N ALA A 140 20.63 26.07 -3.20
CA ALA A 140 21.40 24.84 -3.33
C ALA A 140 22.90 25.01 -3.17
N ARG A 141 23.31 26.05 -2.46
CA ARG A 141 24.72 26.32 -2.30
C ARG A 141 25.53 25.14 -1.76
N ASP A 142 24.92 24.34 -0.91
CA ASP A 142 25.60 23.25 -0.25
C ASP A 142 25.39 21.90 -0.91
N TRP A 143 24.60 21.88 -1.98
CA TRP A 143 24.09 20.63 -2.51
C TRP A 143 24.63 20.18 -3.86
N ASP A 144 24.76 18.85 -3.99
CA ASP A 144 25.02 18.23 -5.30
C ASP A 144 24.22 16.94 -5.30
N ILE A 145 24.07 16.34 -6.48
CA ILE A 145 23.35 15.09 -6.62
C ILE A 145 24.25 14.15 -7.40
N LEU A 146 24.57 13.01 -6.82
CA LEU A 146 25.60 12.16 -7.40
C LEU A 146 25.12 10.78 -7.72
N LEU A 147 25.65 10.23 -8.82
CA LEU A 147 25.35 8.85 -9.15
C LEU A 147 26.66 8.06 -9.13
N ALA A 148 26.69 6.96 -8.42
CA ALA A 148 27.85 6.06 -8.41
C ALA A 148 27.43 4.68 -8.91
N VAL A 149 28.29 4.01 -9.68
CA VAL A 149 27.93 2.71 -10.23
C VAL A 149 28.86 1.65 -9.64
N GLY A 150 28.29 0.62 -9.05
CA GLY A 150 29.06 -0.48 -8.53
C GLY A 150 28.93 -1.63 -9.51
N GLU A 151 30.05 -2.24 -9.88
CA GLU A 151 29.98 -3.37 -10.81
C GLU A 151 30.31 -4.63 -10.03
N VAL A 152 29.40 -5.59 -10.11
CA VAL A 152 29.52 -6.82 -9.37
C VAL A 152 30.14 -7.89 -10.26
N THR A 153 31.19 -8.54 -9.77
CA THR A 153 31.80 -9.60 -10.57
C THR A 153 31.86 -10.87 -9.73
N LYS A 154 31.55 -11.99 -10.37
CA LYS A 154 31.51 -13.25 -9.68
C LYS A 154 32.68 -14.11 -10.11
N SER A 155 33.12 -14.99 -9.23
CA SER A 155 34.25 -15.86 -9.52
C SER A 155 34.13 -17.14 -8.70
N THR A 156 34.48 -18.28 -9.30
CA THR A 156 34.44 -19.56 -8.58
C THR A 156 35.86 -19.97 -8.17
N ALA A 157 36.64 -19.01 -7.67
CA ALA A 157 38.04 -19.22 -7.33
C ALA A 157 38.37 -19.82 -5.94
N GLY A 158 38.78 -21.09 -5.93
CA GLY A 158 39.15 -21.75 -4.67
C GLY A 158 38.16 -22.81 -4.23
N GLY A 159 37.32 -23.24 -5.18
CA GLY A 159 36.31 -24.24 -4.91
C GLY A 159 34.96 -23.67 -4.53
N LYS A 160 34.98 -22.49 -3.89
CA LYS A 160 33.73 -21.85 -3.46
C LYS A 160 33.47 -20.52 -4.17
N ILE A 161 32.20 -20.13 -4.23
CA ILE A 161 31.75 -18.90 -4.89
C ILE A 161 32.28 -17.65 -4.19
N THR A 162 32.79 -16.70 -4.97
CA THR A 162 33.21 -15.41 -4.44
C THR A 162 32.67 -14.28 -5.29
N ALA A 163 32.57 -13.09 -4.69
CA ALA A 163 32.15 -11.94 -5.46
C ALA A 163 32.95 -10.74 -5.03
N SER A 164 33.01 -9.75 -5.89
CA SER A 164 33.59 -8.46 -5.52
C SER A 164 32.77 -7.38 -6.21
N ILE A 165 32.82 -6.20 -5.63
CA ILE A 165 32.12 -5.06 -6.19
C ILE A 165 33.12 -3.94 -6.30
N LYS A 166 33.26 -3.40 -7.50
CA LYS A 166 34.13 -2.26 -7.69
C LYS A 166 33.27 -1.05 -7.91
N TRP A 167 33.46 -0.07 -7.05
CA TRP A 167 32.69 1.15 -7.10
C TRP A 167 33.41 2.21 -7.89
N GLY A 168 32.73 2.76 -8.87
CA GLY A 168 33.26 3.85 -9.66
C GLY A 168 33.20 5.15 -8.88
N SER A 169 33.90 6.18 -9.37
CA SER A 169 33.81 7.46 -8.71
C SER A 169 32.44 8.09 -9.02
N PRO A 170 31.87 8.81 -8.07
CA PRO A 170 30.55 9.40 -8.30
C PRO A 170 30.61 10.49 -9.37
N VAL A 171 29.53 10.60 -10.14
CA VAL A 171 29.39 11.62 -11.16
C VAL A 171 28.23 12.54 -10.75
N SER A 172 28.38 13.85 -10.90
CA SER A 172 27.27 14.76 -10.58
C SER A 172 26.23 14.77 -11.70
N LEU A 173 24.95 14.67 -11.33
CA LEU A 173 23.85 14.74 -12.29
C LEU A 173 23.18 16.13 -12.31
N LYS A 174 23.84 17.11 -11.70
CA LYS A 174 23.26 18.43 -11.54
C LYS A 174 22.94 19.08 -12.90
N GLU A 175 23.68 18.73 -13.94
CA GLU A 175 23.44 19.30 -15.26
C GLU A 175 22.09 18.89 -15.83
N PHE A 176 21.49 17.83 -15.28
CA PHE A 176 20.16 17.37 -15.74
C PHE A 176 18.98 18.01 -14.96
N PHE A 177 19.27 18.94 -14.08
CA PHE A 177 18.24 19.53 -13.22
C PHE A 177 17.94 20.90 -13.77
N PRO A 178 16.76 21.07 -14.34
CA PRO A 178 16.40 22.38 -14.92
C PRO A 178 16.21 23.41 -13.80
N ALA A 179 16.45 24.67 -14.09
CA ALA A 179 16.28 25.73 -13.12
C ALA A 179 14.83 26.02 -12.87
N GLU A 180 13.98 25.66 -13.82
CA GLU A 180 12.55 25.90 -13.66
C GLU A 180 11.73 24.65 -13.97
N MET A 181 10.59 24.55 -13.28
CA MET A 181 9.56 23.56 -13.59
C MET A 181 8.25 24.33 -13.54
N GLU A 182 7.17 23.75 -14.06
CA GLU A 182 5.89 24.47 -14.13
C GLU A 182 5.55 25.24 -12.87
N GLY A 183 5.47 26.56 -12.97
CA GLY A 183 5.09 27.38 -11.85
C GLY A 183 6.10 27.55 -10.74
N MET A 184 7.36 27.19 -10.99
CA MET A 184 8.34 27.17 -9.91
C MET A 184 9.81 27.28 -10.32
N HIS A 185 10.65 27.64 -9.35
CA HIS A 185 12.08 27.64 -9.54
C HIS A 185 12.62 26.50 -8.68
N THR A 186 13.45 25.67 -9.26
CA THR A 186 13.91 24.48 -8.51
C THR A 186 14.99 24.84 -7.54
N ASN A 187 15.16 23.97 -6.55
CA ASN A 187 16.12 24.19 -5.47
C ASN A 187 17.03 22.94 -5.38
N GLN A 188 16.56 21.86 -4.76
CA GLN A 188 17.39 20.64 -4.71
C GLN A 188 16.55 19.41 -5.06
N PHE A 189 17.23 18.27 -5.23
CA PHE A 189 16.50 17.01 -5.25
C PHE A 189 17.36 15.86 -4.71
N LEU A 190 16.65 14.83 -4.27
CA LEU A 190 17.22 13.58 -3.76
C LEU A 190 16.46 12.40 -4.30
N GLY A 191 17.09 11.24 -4.26
CA GLY A 191 16.37 10.01 -4.58
C GLY A 191 15.34 9.85 -3.47
N GLY A 192 14.36 8.99 -3.73
CA GLY A 192 13.32 8.76 -2.74
C GLY A 192 13.69 7.79 -1.65
N ALA A 193 14.94 7.29 -1.69
CA ALA A 193 15.51 6.31 -0.76
C ALA A 193 15.11 4.88 -1.08
N GLY A 194 15.83 3.91 -0.51
CA GLY A 194 15.52 2.51 -0.75
C GLY A 194 15.83 2.06 -2.17
N VAL A 195 14.94 1.27 -2.74
CA VAL A 195 15.21 0.60 -4.03
C VAL A 195 14.26 1.07 -5.11
N ALA A 196 14.84 1.53 -6.22
CA ALA A 196 14.06 1.96 -7.39
C ALA A 196 14.04 0.86 -8.45
N ILE A 197 13.75 1.20 -9.71
CA ILE A 197 13.52 0.12 -10.69
C ILE A 197 14.11 0.35 -12.06
N VAL A 198 14.18 -0.77 -12.79
CA VAL A 198 14.36 -0.72 -14.24
C VAL A 198 12.95 -0.98 -14.81
N ALA A 199 12.46 -0.06 -15.64
CA ALA A 199 11.13 -0.24 -16.26
C ALA A 199 11.20 -1.35 -17.32
N SER A 200 10.03 -1.85 -17.74
CA SER A 200 9.99 -2.94 -18.72
C SER A 200 10.57 -2.52 -20.06
N ASN A 201 10.74 -1.23 -20.29
CA ASN A 201 11.38 -0.74 -21.52
C ASN A 201 12.90 -0.54 -21.37
N GLY A 202 13.43 -0.92 -20.20
CA GLY A 202 14.85 -0.79 -19.92
C GLY A 202 15.25 0.48 -19.20
N ASN A 203 14.34 1.45 -19.11
CA ASN A 203 14.75 2.73 -18.52
C ASN A 203 15.08 2.54 -17.06
N LEU A 204 16.13 3.23 -16.60
CA LEU A 204 16.40 3.32 -15.15
C LEU A 204 15.40 4.37 -14.65
N VAL A 205 14.64 4.05 -13.58
CA VAL A 205 13.63 4.98 -13.12
C VAL A 205 13.83 5.26 -11.65
N TYR A 206 14.15 6.50 -11.32
CA TYR A 206 14.22 6.94 -9.93
C TYR A 206 13.05 7.85 -9.62
N PRO A 207 12.20 7.47 -8.66
CA PRO A 207 11.29 8.49 -8.16
C PRO A 207 12.15 9.39 -7.28
N VAL A 208 11.99 10.70 -7.44
CA VAL A 208 12.79 11.65 -6.66
C VAL A 208 11.92 12.63 -5.92
N GLN A 209 12.47 13.16 -4.85
CA GLN A 209 11.79 14.23 -4.12
C GLN A 209 12.58 15.51 -4.39
N VAL A 210 11.82 16.55 -4.68
CA VAL A 210 12.40 17.80 -5.17
C VAL A 210 11.87 18.96 -4.38
N THR A 211 12.71 19.97 -4.15
CA THR A 211 12.21 21.20 -3.56
C THR A 211 12.25 22.35 -4.53
N ASN A 212 11.41 23.32 -4.25
CA ASN A 212 11.48 24.56 -5.00
C ASN A 212 11.99 25.68 -4.10
N LYS A 213 12.03 26.90 -4.64
CA LYS A 213 12.57 28.00 -3.84
C LYS A 213 11.59 28.51 -2.78
N LYS A 214 10.36 28.01 -2.79
CA LYS A 214 9.39 28.32 -1.74
C LYS A 214 9.51 27.27 -0.63
N LYS A 215 10.46 26.35 -0.80
CA LYS A 215 10.73 25.29 0.20
C LYS A 215 9.64 24.24 0.25
N GLN A 216 8.85 24.15 -0.80
CA GLN A 216 7.86 23.08 -0.92
C GLN A 216 8.57 21.83 -1.47
N VAL A 217 8.09 20.65 -1.05
CA VAL A 217 8.64 19.38 -1.53
C VAL A 217 7.59 18.69 -2.40
N PHE A 218 8.03 18.00 -3.44
CA PHE A 218 7.09 17.28 -4.29
C PHE A 218 7.85 16.14 -4.97
N SER A 219 7.13 15.21 -5.56
CA SER A 219 7.80 14.06 -6.16
C SER A 219 7.73 14.11 -7.68
N LYS A 220 8.75 13.56 -8.33
CA LYS A 220 8.84 13.51 -9.78
C LYS A 220 9.44 12.17 -10.17
N ILE A 221 9.37 11.86 -11.46
CA ILE A 221 10.08 10.71 -12.02
C ILE A 221 11.32 11.24 -12.76
N PHE A 222 12.46 10.65 -12.46
CA PHE A 222 13.76 11.06 -13.02
C PHE A 222 14.30 9.77 -13.63
N TYR A 223 14.44 9.75 -14.97
CA TYR A 223 14.73 8.49 -15.65
C TYR A 223 15.82 8.61 -16.72
N SER A 224 16.40 7.48 -17.07
CA SER A 224 17.47 7.46 -18.09
C SER A 224 17.17 6.38 -19.12
N GLU A 225 17.32 6.76 -20.40
CA GLU A 225 17.12 5.83 -21.50
C GLU A 225 18.44 5.24 -22.01
N ASP A 226 19.55 5.67 -21.46
CA ASP A 226 20.87 5.26 -21.96
C ASP A 226 21.81 4.75 -20.89
N GLU A 227 21.27 3.91 -19.99
CA GLU A 227 22.03 3.25 -18.95
C GLU A 227 22.68 4.24 -17.98
N GLY A 228 22.05 5.40 -17.82
CA GLY A 228 22.49 6.36 -16.82
C GLY A 228 23.44 7.45 -17.26
N LYS A 229 23.74 7.50 -18.54
CA LYS A 229 24.58 8.59 -19.07
C LYS A 229 23.86 9.94 -19.07
N THR A 230 22.59 9.95 -19.44
CA THR A 230 21.81 11.19 -19.37
C THR A 230 20.50 10.90 -18.65
N TRP A 231 19.89 11.97 -18.16
CA TRP A 231 18.67 11.85 -17.33
C TRP A 231 17.66 12.89 -17.69
N LYS A 232 16.38 12.54 -17.54
CA LYS A 232 15.27 13.39 -17.87
C LYS A 232 14.27 13.40 -16.72
N PHE A 233 13.52 14.47 -16.61
CA PHE A 233 12.38 14.49 -15.67
C PHE A 233 11.07 14.33 -16.42
N GLY A 234 10.19 13.50 -15.88
CA GLY A 234 8.82 13.46 -16.41
C GLY A 234 8.20 14.83 -16.15
N LYS A 235 7.29 15.28 -17.04
CA LYS A 235 6.76 16.60 -16.93
C LYS A 235 5.84 16.85 -15.74
N GLY A 236 5.22 15.79 -15.24
CA GLY A 236 4.23 15.90 -14.18
C GLY A 236 4.82 15.77 -12.80
N ARG A 237 3.96 15.86 -11.81
CA ARG A 237 4.42 15.78 -10.44
C ARG A 237 3.30 15.40 -9.51
N SER A 238 3.69 15.01 -8.30
CA SER A 238 2.71 14.82 -7.26
C SER A 238 2.24 16.16 -6.71
N ALA A 239 1.31 16.06 -5.78
CA ALA A 239 0.96 17.21 -4.98
C ALA A 239 2.17 17.69 -4.17
N PHE A 240 2.13 18.96 -3.79
CA PHE A 240 3.13 19.41 -2.83
C PHE A 240 2.89 18.69 -1.50
N GLY A 241 3.99 18.43 -0.81
CA GLY A 241 3.94 17.73 0.45
C GLY A 241 4.34 16.28 0.38
N CYS A 242 4.49 15.76 -0.83
CA CYS A 242 4.84 14.35 -1.03
C CYS A 242 6.34 14.16 -1.13
N SER A 243 6.93 13.42 -0.18
CA SER A 243 8.39 13.22 -0.18
C SER A 243 8.68 11.72 -0.24
N GLU A 244 9.94 11.33 -0.16
CA GLU A 244 10.37 9.92 -0.23
C GLU A 244 9.49 9.01 -1.07
N PRO A 245 9.35 9.32 -2.36
CA PRO A 245 8.49 8.46 -3.20
C PRO A 245 9.18 7.15 -3.47
N VAL A 246 8.40 6.07 -3.54
CA VAL A 246 8.94 4.75 -3.89
C VAL A 246 8.03 4.22 -4.99
N ALA A 247 8.63 3.64 -6.03
CA ALA A 247 7.81 3.22 -7.17
C ALA A 247 8.06 1.81 -7.64
N LEU A 248 7.03 1.25 -8.27
CA LEU A 248 7.13 -0.05 -8.94
C LEU A 248 6.36 0.05 -10.25
N GLU A 249 6.51 -0.96 -11.10
CA GLU A 249 5.77 -0.98 -12.34
C GLU A 249 4.72 -2.08 -12.25
N TRP A 250 3.50 -1.72 -12.64
CA TRP A 250 2.36 -2.63 -12.59
C TRP A 250 1.49 -2.42 -13.82
N GLU A 251 1.32 -3.50 -14.57
CA GLU A 251 0.46 -3.47 -15.74
C GLU A 251 0.66 -2.26 -16.63
N GLY A 252 1.94 -2.02 -16.90
CA GLY A 252 2.31 -0.97 -17.83
C GLY A 252 2.40 0.41 -17.27
N LYS A 253 2.12 0.56 -15.97
CA LYS A 253 2.17 1.89 -15.36
C LYS A 253 3.15 1.92 -14.21
N LEU A 254 3.67 3.10 -13.92
CA LEU A 254 4.43 3.28 -12.68
C LEU A 254 3.42 3.56 -11.58
N ILE A 255 3.59 2.91 -10.43
CA ILE A 255 2.76 3.20 -9.25
C ILE A 255 3.72 3.88 -8.28
N ILE A 256 3.42 5.11 -7.91
CA ILE A 256 4.35 5.92 -7.11
C ILE A 256 3.70 6.18 -5.77
N ASN A 257 4.30 5.61 -4.72
CA ASN A 257 3.73 5.60 -3.37
C ASN A 257 4.52 6.60 -2.54
N THR A 258 3.84 7.61 -2.00
CA THR A 258 4.56 8.72 -1.36
C THR A 258 4.37 8.87 0.13
N ARG A 259 5.42 9.34 0.76
CA ARG A 259 5.39 9.78 2.14
C ARG A 259 4.73 11.16 2.21
N VAL A 260 3.75 11.31 3.09
CA VAL A 260 3.19 12.67 3.35
C VAL A 260 3.21 12.90 4.85
N ASP A 261 4.13 13.71 5.33
CA ASP A 261 4.21 13.91 6.77
C ASP A 261 2.89 14.46 7.27
N TYR A 262 2.41 13.91 8.37
CA TYR A 262 1.18 14.36 9.03
C TYR A 262 -0.11 14.16 8.22
N ARG A 263 -0.08 13.28 7.22
CA ARG A 263 -1.26 12.98 6.39
C ARG A 263 -1.20 11.55 5.90
N ARG A 264 -2.30 11.08 5.33
CA ARG A 264 -2.33 9.76 4.72
C ARG A 264 -1.47 9.74 3.47
N ARG A 265 -0.82 8.58 3.20
CA ARG A 265 0.03 8.47 2.01
C ARG A 265 -0.75 8.55 0.73
N LEU A 266 -0.25 9.37 -0.17
CA LEU A 266 -0.82 9.50 -1.50
C LEU A 266 -0.13 8.54 -2.46
N VAL A 267 -0.90 7.90 -3.36
CA VAL A 267 -0.32 6.99 -4.31
C VAL A 267 -0.80 7.43 -5.69
N TYR A 268 0.10 7.47 -6.67
CA TYR A 268 -0.21 7.94 -8.03
C TYR A 268 0.13 6.89 -9.04
N GLU A 269 -0.53 6.98 -10.22
CA GLU A 269 -0.18 6.14 -11.35
C GLU A 269 0.27 7.03 -12.51
N SER A 270 1.24 6.54 -13.29
CA SER A 270 1.68 7.26 -14.49
C SER A 270 2.01 6.24 -15.59
N SER A 271 1.37 6.41 -16.75
CA SER A 271 1.51 5.48 -17.85
C SER A 271 2.54 6.01 -18.83
N ASP A 272 3.09 7.20 -18.57
CA ASP A 272 3.96 7.88 -19.53
C ASP A 272 5.24 8.44 -18.96
N MET A 273 5.93 7.61 -18.18
CA MET A 273 7.18 7.98 -17.53
C MET A 273 7.09 9.28 -16.75
N GLY A 274 5.98 9.51 -16.06
CA GLY A 274 5.89 10.70 -15.23
C GLY A 274 5.42 11.96 -15.91
N ASN A 275 5.04 11.88 -17.18
CA ASN A 275 4.53 13.08 -17.81
C ASN A 275 3.15 13.43 -17.25
N THR A 276 2.34 12.42 -16.93
CA THR A 276 1.02 12.69 -16.33
C THR A 276 0.89 11.81 -15.09
N TRP A 277 0.40 12.41 -14.02
CA TRP A 277 0.21 11.68 -12.77
C TRP A 277 -1.27 11.68 -12.42
N LEU A 278 -1.79 10.50 -12.11
CA LEU A 278 -3.18 10.41 -11.68
C LEU A 278 -3.22 9.76 -10.30
N GLU A 279 -3.92 10.38 -9.36
CA GLU A 279 -4.00 9.75 -8.04
C GLU A 279 -4.75 8.46 -8.11
N ALA A 280 -4.21 7.43 -7.45
CA ALA A 280 -4.78 6.08 -7.50
C ALA A 280 -5.93 5.94 -6.53
N VAL A 281 -6.95 6.75 -6.73
CA VAL A 281 -8.07 6.78 -5.79
C VAL A 281 -8.89 5.49 -5.74
N GLY A 282 -8.83 4.68 -6.79
CA GLY A 282 -9.60 3.45 -6.88
C GLY A 282 -8.91 2.23 -6.32
N THR A 283 -7.68 2.40 -5.87
CA THR A 283 -6.93 1.25 -5.37
C THR A 283 -6.13 1.54 -4.10
N LEU A 284 -5.01 2.23 -4.21
CA LEU A 284 -4.07 2.32 -3.08
C LEU A 284 -3.93 3.67 -2.43
N SER A 285 -4.38 4.74 -3.09
CA SER A 285 -4.14 6.04 -2.47
C SER A 285 -4.97 6.23 -1.22
N ARG A 286 -4.30 6.77 -0.22
CA ARG A 286 -4.89 7.11 1.09
C ARG A 286 -5.21 5.88 1.93
N VAL A 287 -4.79 4.69 1.48
CA VAL A 287 -5.00 3.48 2.26
C VAL A 287 -4.13 3.50 3.51
N TRP A 288 -2.87 3.86 3.35
CA TRP A 288 -1.92 3.75 4.46
C TRP A 288 -1.71 5.03 5.24
N GLY A 289 -1.93 4.98 6.56
CA GLY A 289 -1.72 6.15 7.41
C GLY A 289 -0.43 6.03 8.20
N PRO A 290 0.23 7.16 8.45
CA PRO A 290 1.57 7.14 9.07
C PRO A 290 1.52 6.95 10.58
N SER A 291 0.32 6.99 11.16
CA SER A 291 0.18 6.81 12.63
C SER A 291 -1.30 6.54 12.87
N PRO A 292 -1.68 6.08 14.06
CA PRO A 292 -3.09 5.78 14.32
C PRO A 292 -4.05 6.88 13.91
N LYS A 293 -3.70 8.13 14.15
CA LYS A 293 -4.55 9.25 13.75
C LYS A 293 -4.04 10.00 12.50
N SER A 294 -3.06 9.42 11.82
CA SER A 294 -2.50 9.97 10.59
C SER A 294 -2.10 11.43 10.74
N ASN A 295 -1.47 11.74 11.87
CA ASN A 295 -1.14 13.10 12.18
C ASN A 295 0.27 13.23 12.69
N GLN A 296 1.11 12.29 12.26
CA GLN A 296 2.51 12.25 12.70
C GLN A 296 3.41 12.18 11.49
N PRO A 297 4.71 12.34 11.66
CA PRO A 297 5.62 12.18 10.52
C PRO A 297 5.43 10.79 9.87
N GLY A 298 5.73 10.78 8.57
CA GLY A 298 5.70 9.57 7.78
C GLY A 298 7.01 8.83 7.74
N SER A 299 7.18 7.97 6.73
CA SER A 299 8.34 7.11 6.67
C SER A 299 8.65 6.70 5.25
N GLN A 300 9.88 6.23 5.07
CA GLN A 300 10.29 5.52 3.89
C GLN A 300 9.59 4.17 3.91
N SER A 301 9.27 3.63 2.73
CA SER A 301 8.58 2.35 2.63
C SER A 301 9.23 1.48 1.58
N SER A 302 9.36 0.17 1.84
CA SER A 302 9.69 -0.75 0.74
C SER A 302 8.41 -1.01 -0.05
N PHE A 303 8.50 -0.96 -1.37
CA PHE A 303 7.33 -1.15 -2.22
C PHE A 303 7.85 -1.84 -3.48
N THR A 304 7.56 -3.12 -3.63
CA THR A 304 8.07 -3.88 -4.78
C THR A 304 7.00 -4.73 -5.45
N ALA A 305 7.22 -5.04 -6.72
CA ALA A 305 6.35 -5.98 -7.43
C ALA A 305 7.17 -7.27 -7.64
N VAL A 306 6.60 -8.39 -7.19
CA VAL A 306 7.24 -9.69 -7.27
C VAL A 306 6.25 -10.71 -7.80
N THR A 307 6.75 -11.88 -8.21
CA THR A 307 5.87 -12.94 -8.66
C THR A 307 6.07 -14.13 -7.72
N ILE A 308 5.00 -14.50 -7.03
CA ILE A 308 5.04 -15.56 -6.06
C ILE A 308 4.06 -16.62 -6.53
N GLU A 309 4.60 -17.80 -6.75
CA GLU A 309 3.81 -18.92 -7.27
C GLU A 309 2.92 -18.53 -8.44
N GLY A 310 3.49 -17.80 -9.39
CA GLY A 310 2.79 -17.43 -10.60
C GLY A 310 1.91 -16.20 -10.56
N MET A 311 1.73 -15.60 -9.38
CA MET A 311 0.90 -14.42 -9.29
C MET A 311 1.73 -13.17 -9.03
N ARG A 312 1.50 -12.15 -9.86
CA ARG A 312 2.19 -10.86 -9.66
C ARG A 312 1.50 -10.16 -8.52
N VAL A 313 2.27 -9.68 -7.56
CA VAL A 313 1.69 -8.96 -6.43
C VAL A 313 2.64 -7.88 -5.96
N MET A 314 2.15 -7.01 -5.07
CA MET A 314 3.04 -5.98 -4.51
C MET A 314 3.21 -6.20 -3.02
N LEU A 315 4.41 -5.93 -2.52
CA LEU A 315 4.67 -5.99 -1.08
C LEU A 315 5.00 -4.57 -0.64
N PHE A 316 4.46 -4.18 0.50
CA PHE A 316 4.64 -2.80 1.00
C PHE A 316 4.89 -2.82 2.49
N THR A 317 5.88 -2.05 2.95
CA THR A 317 6.10 -1.93 4.40
C THR A 317 5.99 -0.50 4.87
N HIS A 318 5.53 -0.35 6.13
CA HIS A 318 5.54 0.95 6.78
C HIS A 318 5.36 0.73 8.26
N PRO A 319 6.01 1.55 9.10
CA PRO A 319 5.75 1.45 10.54
C PRO A 319 4.36 1.94 10.92
N LEU A 320 3.79 1.38 12.00
CA LEU A 320 2.52 1.91 12.47
C LEU A 320 2.66 3.17 13.32
N ASN A 321 3.81 3.31 13.99
CA ASN A 321 4.10 4.55 14.71
C ASN A 321 3.07 4.87 15.80
N PHE A 322 2.79 3.90 16.68
CA PHE A 322 1.89 4.18 17.79
C PHE A 322 2.53 5.22 18.72
N LYS A 323 3.86 5.22 18.79
CA LYS A 323 4.53 6.14 19.71
C LYS A 323 4.49 7.58 19.26
N GLY A 324 4.49 7.80 17.94
CA GLY A 324 4.39 9.15 17.42
C GLY A 324 5.74 9.77 17.14
N ARG A 325 5.69 11.00 16.64
CA ARG A 325 6.90 11.67 16.19
C ARG A 325 7.64 10.77 15.21
N TRP A 326 8.96 10.70 15.32
CA TRP A 326 9.72 9.88 14.40
C TRP A 326 10.07 8.53 14.97
N LEU A 327 9.50 8.18 16.13
CA LEU A 327 9.88 6.89 16.70
C LEU A 327 9.52 5.71 15.79
N ARG A 328 8.31 5.70 15.28
CA ARG A 328 7.98 4.77 14.19
C ARG A 328 8.20 3.29 14.51
N ASP A 329 7.59 2.90 15.63
CA ASP A 329 7.55 1.49 16.02
C ASP A 329 6.63 0.68 15.09
N ARG A 330 6.75 -0.63 15.22
CA ARG A 330 5.82 -1.60 14.63
C ARG A 330 5.83 -1.59 13.12
N LEU A 331 6.96 -2.02 12.58
CA LEU A 331 7.07 -2.14 11.11
C LEU A 331 6.13 -3.22 10.62
N ASN A 332 5.20 -2.89 9.72
CA ASN A 332 4.23 -3.86 9.19
C ASN A 332 4.39 -4.13 7.71
N LEU A 333 4.10 -5.37 7.33
CA LEU A 333 4.21 -5.82 5.93
C LEU A 333 2.81 -6.05 5.38
N TRP A 334 2.60 -5.59 4.15
CA TRP A 334 1.32 -5.66 3.46
C TRP A 334 1.50 -6.32 2.10
N LEU A 335 0.46 -7.05 1.68
CA LEU A 335 0.43 -7.79 0.43
C LEU A 335 -0.81 -7.32 -0.34
N THR A 336 -0.66 -6.94 -1.60
CA THR A 336 -1.83 -6.58 -2.42
C THR A 336 -1.69 -7.00 -3.88
N ASP A 337 -2.79 -7.40 -4.46
CA ASP A 337 -2.86 -7.63 -5.90
C ASP A 337 -3.50 -6.46 -6.62
N ASN A 338 -3.43 -5.28 -6.04
CA ASN A 338 -4.07 -4.05 -6.57
C ASN A 338 -5.59 -4.08 -6.45
N GLN A 339 -6.12 -5.03 -5.67
CA GLN A 339 -7.54 -5.16 -5.42
C GLN A 339 -7.75 -5.34 -3.91
N ARG A 340 -7.31 -6.50 -3.44
CA ARG A 340 -7.35 -6.83 -2.03
C ARG A 340 -6.08 -6.35 -1.37
N ILE A 341 -6.15 -6.00 -0.09
CA ILE A 341 -4.97 -5.49 0.63
C ILE A 341 -4.93 -6.22 1.96
N TYR A 342 -3.92 -7.07 2.11
CA TYR A 342 -3.79 -7.98 3.26
C TYR A 342 -2.66 -7.56 4.17
N ASN A 343 -2.90 -7.52 5.48
CA ASN A 343 -1.85 -7.22 6.46
C ASN A 343 -1.17 -8.53 6.83
N VAL A 344 0.04 -8.72 6.31
CA VAL A 344 0.80 -9.94 6.62
C VAL A 344 1.16 -9.95 8.07
N GLY A 345 1.52 -8.80 8.60
CA GLY A 345 1.78 -8.70 10.02
C GLY A 345 2.97 -7.83 10.35
N GLN A 346 3.36 -7.85 11.61
CA GLN A 346 4.47 -7.04 12.09
C GLN A 346 5.79 -7.78 11.95
N VAL A 347 6.74 -7.12 11.29
CA VAL A 347 8.05 -7.65 10.97
C VAL A 347 9.02 -7.32 12.10
N SER A 348 8.89 -6.14 12.67
CA SER A 348 9.75 -5.76 13.78
C SER A 348 9.28 -6.54 15.01
N ILE A 349 10.06 -6.47 16.10
CA ILE A 349 9.77 -7.27 17.31
C ILE A 349 9.30 -6.39 18.46
N GLY A 350 8.11 -6.74 18.98
CA GLY A 350 7.50 -6.05 20.08
C GLY A 350 7.31 -4.58 19.81
N ASP A 351 7.72 -3.71 20.72
CA ASP A 351 7.46 -2.29 20.53
C ASP A 351 8.70 -1.51 20.14
N GLU A 352 9.69 -2.18 19.59
CA GLU A 352 10.91 -1.46 19.20
C GLU A 352 10.62 -0.42 18.12
N ASN A 353 11.44 0.61 18.09
CA ASN A 353 11.33 1.63 17.04
C ASN A 353 11.97 1.06 15.79
N SER A 354 11.27 1.14 14.66
CA SER A 354 11.71 0.40 13.46
C SER A 354 11.10 1.06 12.23
N ALA A 355 11.77 2.13 11.77
CA ALA A 355 11.18 2.97 10.71
C ALA A 355 11.42 2.50 9.28
N TYR A 356 12.66 2.58 8.81
CA TYR A 356 12.93 2.31 7.40
C TYR A 356 13.21 0.83 7.14
N SER A 357 12.92 0.38 5.93
CA SER A 357 13.00 -1.04 5.65
C SER A 357 13.17 -1.34 4.19
N SER A 358 13.59 -2.57 3.89
CA SER A 358 13.74 -2.99 2.50
C SER A 358 13.48 -4.50 2.44
N VAL A 359 12.51 -4.88 1.62
CA VAL A 359 12.11 -6.29 1.51
C VAL A 359 12.64 -6.84 0.20
N LEU A 360 13.29 -8.02 0.28
CA LEU A 360 13.85 -8.68 -0.90
C LEU A 360 13.26 -10.08 -1.05
N TYR A 361 12.79 -10.39 -2.25
CA TYR A 361 12.36 -11.75 -2.58
C TYR A 361 13.36 -12.33 -3.58
N LYS A 362 14.05 -13.38 -3.17
CA LYS A 362 15.14 -13.97 -3.97
C LYS A 362 15.14 -15.49 -3.84
N ASP A 363 15.07 -16.18 -4.97
CA ASP A 363 15.08 -17.64 -4.98
C ASP A 363 14.04 -18.23 -4.04
N ASP A 364 12.84 -17.66 -4.13
CA ASP A 364 11.70 -18.08 -3.32
C ASP A 364 11.93 -18.02 -1.83
N LYS A 365 12.70 -17.02 -1.39
CA LYS A 365 12.91 -16.79 0.02
C LYS A 365 12.70 -15.29 0.21
N LEU A 366 12.13 -14.92 1.35
CA LEU A 366 11.80 -13.52 1.63
C LEU A 366 12.68 -12.98 2.78
N TYR A 367 13.22 -11.77 2.59
CA TYR A 367 14.10 -11.17 3.56
C TYR A 367 13.73 -9.72 3.81
N CYS A 368 14.14 -9.20 4.95
CA CYS A 368 13.90 -7.77 5.20
C CYS A 368 15.11 -7.20 5.95
N LEU A 369 15.65 -6.10 5.45
CA LEU A 369 16.70 -5.37 6.14
C LEU A 369 15.99 -4.15 6.70
N HIS A 370 15.98 -3.98 8.01
CA HIS A 370 15.28 -2.82 8.55
C HIS A 370 15.94 -2.24 9.77
N GLU A 371 15.56 -1.00 10.05
CA GLU A 371 16.12 -0.30 11.19
C GLU A 371 15.54 -0.73 12.53
N ILE A 372 16.39 -0.68 13.55
CA ILE A 372 15.96 -0.68 14.95
C ILE A 372 16.66 0.52 15.58
N ASN A 373 15.92 1.27 16.36
CA ASN A 373 16.39 2.53 16.98
C ASN A 373 16.16 2.51 18.49
N SER A 374 17.24 2.51 19.29
CA SER A 374 17.09 2.76 20.71
C SER A 374 17.88 4.02 21.02
N ASN A 375 17.20 5.02 21.59
CA ASN A 375 17.84 6.27 21.98
C ASN A 375 18.56 6.97 20.86
N GLU A 376 18.01 6.87 19.66
CA GLU A 376 18.59 7.51 18.48
C GLU A 376 19.96 6.91 18.09
N VAL A 377 20.15 5.64 18.42
CA VAL A 377 21.29 4.88 17.94
C VAL A 377 20.65 3.75 17.13
N TYR A 378 20.99 3.70 15.85
CA TYR A 378 20.33 2.81 14.90
C TYR A 378 21.20 1.65 14.38
N SER A 379 20.63 0.45 14.40
CA SER A 379 21.25 -0.67 13.72
C SER A 379 20.34 -1.11 12.56
N LEU A 380 20.88 -1.92 11.67
CA LEU A 380 20.05 -2.61 10.68
C LEU A 380 20.05 -4.09 11.01
N VAL A 381 18.85 -4.64 11.17
CA VAL A 381 18.72 -6.08 11.35
C VAL A 381 18.40 -6.73 10.01
N PHE A 382 18.85 -7.97 9.86
CA PHE A 382 18.61 -8.70 8.64
C PHE A 382 17.73 -9.89 9.03
N ALA A 383 16.46 -9.86 8.59
CA ALA A 383 15.46 -10.88 8.94
C ALA A 383 15.13 -11.83 7.79
N ARG A 384 15.04 -13.11 8.15
CA ARG A 384 14.60 -14.16 7.23
C ARG A 384 13.10 -14.35 7.46
N LEU A 385 12.30 -13.93 6.49
CA LEU A 385 10.84 -13.90 6.65
C LEU A 385 10.20 -15.20 6.22
N VAL A 386 10.55 -16.26 6.93
CA VAL A 386 10.04 -17.58 6.62
C VAL A 386 8.53 -17.70 6.86
N GLY A 387 8.09 -17.32 8.04
CA GLY A 387 6.68 -17.44 8.38
C GLY A 387 5.85 -16.52 7.52
N GLU A 388 6.40 -15.35 7.25
CA GLU A 388 5.64 -14.37 6.44
C GLU A 388 5.41 -14.87 5.02
N LEU A 389 6.40 -15.50 4.42
CA LEU A 389 6.23 -16.01 3.07
C LEU A 389 5.18 -17.12 3.08
N ARG A 390 5.20 -17.94 4.12
CA ARG A 390 4.19 -19.00 4.23
C ARG A 390 2.77 -18.42 4.27
N ILE A 391 2.60 -17.34 5.05
CA ILE A 391 1.30 -16.66 5.15
C ILE A 391 0.91 -16.06 3.80
N ILE A 392 1.86 -15.38 3.15
CA ILE A 392 1.60 -14.79 1.85
C ILE A 392 1.15 -15.86 0.88
N LYS A 393 1.90 -16.97 0.80
CA LYS A 393 1.52 -18.00 -0.18
C LYS A 393 0.12 -18.56 0.10
N SER A 394 -0.22 -18.70 1.38
CA SER A 394 -1.54 -19.21 1.74
C SER A 394 -2.63 -18.23 1.29
N VAL A 395 -2.39 -16.94 1.54
CA VAL A 395 -3.38 -15.94 1.17
C VAL A 395 -3.55 -15.87 -0.36
N LEU A 396 -2.44 -15.89 -1.08
CA LEU A 396 -2.51 -15.88 -2.53
C LEU A 396 -3.25 -17.12 -3.08
N GLN A 397 -3.06 -18.25 -2.42
CA GLN A 397 -3.78 -19.47 -2.80
C GLN A 397 -5.27 -19.24 -2.65
N SER A 398 -5.66 -18.63 -1.54
CA SER A 398 -7.07 -18.34 -1.32
C SER A 398 -7.63 -17.41 -2.40
N TRP A 399 -6.90 -16.36 -2.72
CA TRP A 399 -7.35 -15.43 -3.75
C TRP A 399 -7.53 -16.15 -5.09
N LYS A 400 -6.52 -16.94 -5.47
CA LYS A 400 -6.51 -17.64 -6.75
C LYS A 400 -7.66 -18.67 -6.77
N ASN A 401 -7.85 -19.35 -5.66
CA ASN A 401 -8.89 -20.37 -5.59
C ASN A 401 -10.30 -19.82 -5.64
N TRP A 402 -10.59 -18.73 -4.92
CA TRP A 402 -11.92 -18.14 -4.99
C TRP A 402 -12.16 -17.49 -6.35
N ASP A 403 -11.14 -16.88 -6.91
CA ASP A 403 -11.32 -16.26 -8.21
C ASP A 403 -11.61 -17.32 -9.25
N SER A 404 -10.93 -18.45 -9.13
CA SER A 404 -11.13 -19.57 -10.07
C SER A 404 -12.51 -20.16 -9.88
N HIS A 405 -12.94 -20.31 -8.63
CA HIS A 405 -14.27 -20.86 -8.30
C HIS A 405 -15.33 -20.00 -8.97
N LEU A 406 -15.26 -18.71 -8.73
CA LEU A 406 -16.26 -17.82 -9.31
C LEU A 406 -16.25 -17.75 -10.84
N SER A 407 -15.05 -17.68 -11.40
CA SER A 407 -14.83 -17.62 -12.84
C SER A 407 -15.27 -18.86 -13.59
N SER A 408 -15.27 -19.98 -12.90
CA SER A 408 -15.57 -21.25 -13.56
C SER A 408 -17.03 -21.65 -13.48
N ILE A 409 -17.83 -20.91 -12.74
CA ILE A 409 -19.25 -21.26 -12.66
C ILE A 409 -19.87 -21.14 -14.05
N CYS A 410 -20.66 -22.14 -14.44
CA CYS A 410 -21.41 -22.06 -15.68
C CYS A 410 -22.69 -21.31 -15.35
N THR A 411 -22.77 -20.03 -15.71
CA THR A 411 -23.92 -19.22 -15.33
C THR A 411 -25.08 -19.50 -16.28
N PRO A 412 -26.28 -19.29 -15.77
CA PRO A 412 -27.51 -19.61 -16.53
C PRO A 412 -27.62 -18.93 -17.88
N ALA A 413 -28.22 -19.61 -18.85
CA ALA A 413 -28.43 -19.00 -20.16
C ALA A 413 -29.34 -17.80 -20.00
N GLY A 423 -25.56 -24.51 -22.88
CA GLY A 423 -24.90 -23.23 -23.09
C GLY A 423 -24.72 -22.43 -21.80
N CYS A 424 -23.49 -21.97 -21.58
CA CYS A 424 -23.16 -21.12 -20.44
C CYS A 424 -23.15 -19.64 -20.86
N GLY A 425 -23.74 -18.78 -20.03
CA GLY A 425 -23.73 -17.35 -20.28
C GLY A 425 -22.43 -16.73 -19.83
N PRO A 426 -22.38 -15.40 -19.78
CA PRO A 426 -21.17 -14.67 -19.34
C PRO A 426 -20.66 -15.14 -17.97
N ALA A 427 -19.34 -15.13 -17.79
CA ALA A 427 -18.78 -15.56 -16.52
C ALA A 427 -19.05 -14.49 -15.46
N VAL A 428 -19.21 -14.94 -14.21
CA VAL A 428 -19.25 -14.03 -13.06
C VAL A 428 -17.93 -13.27 -13.06
N THR A 429 -17.98 -11.95 -12.91
CA THR A 429 -16.76 -11.17 -12.91
C THR A 429 -16.05 -11.18 -11.57
N THR A 430 -14.72 -11.36 -11.64
CA THR A 430 -13.88 -11.25 -10.44
C THR A 430 -12.98 -10.03 -10.56
N VAL A 431 -13.12 -9.25 -11.63
CA VAL A 431 -12.26 -8.09 -11.82
C VAL A 431 -12.71 -6.98 -10.88
N GLY A 432 -11.86 -6.64 -9.91
CA GLY A 432 -12.26 -5.62 -8.95
C GLY A 432 -12.98 -6.18 -7.75
N LEU A 433 -13.09 -7.51 -7.64
CA LEU A 433 -13.79 -8.10 -6.50
C LEU A 433 -12.84 -8.07 -5.31
N VAL A 434 -13.20 -7.30 -4.28
CA VAL A 434 -12.28 -7.04 -3.21
C VAL A 434 -12.63 -7.83 -1.97
N GLY A 435 -13.92 -8.02 -1.73
CA GLY A 435 -14.33 -8.73 -0.51
C GLY A 435 -15.59 -9.53 -0.72
N PHE A 436 -15.78 -10.56 0.10
CA PHE A 436 -16.94 -11.46 -0.12
C PHE A 436 -17.31 -12.06 1.20
N LEU A 437 -18.54 -11.78 1.66
CA LEU A 437 -19.06 -12.36 2.92
C LEU A 437 -20.04 -13.45 2.53
N SER A 438 -19.76 -14.68 2.97
CA SER A 438 -20.54 -15.82 2.51
C SER A 438 -20.79 -16.80 3.65
N HIS A 439 -20.43 -18.07 3.47
CA HIS A 439 -20.79 -19.07 4.47
C HIS A 439 -20.06 -19.01 5.82
N SER A 440 -18.78 -18.64 5.81
CA SER A 440 -18.01 -18.66 7.05
C SER A 440 -18.31 -17.50 7.96
N ALA A 441 -18.55 -17.82 9.23
CA ALA A 441 -18.79 -16.80 10.24
C ALA A 441 -18.46 -17.40 11.58
N THR A 442 -17.91 -16.56 12.45
CA THR A 442 -17.67 -16.97 13.85
C THR A 442 -18.79 -16.35 14.68
N LYS A 443 -18.68 -16.44 16.00
CA LYS A 443 -19.75 -15.90 16.80
C LYS A 443 -19.85 -14.39 16.68
N THR A 444 -18.74 -13.70 16.41
CA THR A 444 -18.81 -12.26 16.36
C THR A 444 -18.43 -11.67 15.01
N GLU A 445 -18.02 -12.49 14.06
CA GLU A 445 -17.57 -11.94 12.75
C GLU A 445 -18.10 -12.73 11.56
N TRP A 446 -18.29 -12.04 10.45
CA TRP A 446 -18.68 -12.61 9.16
C TRP A 446 -17.39 -12.51 8.36
N GLU A 447 -16.86 -13.67 7.96
CA GLU A 447 -15.52 -13.74 7.40
C GLU A 447 -15.40 -13.41 5.93
N ASP A 448 -14.47 -12.51 5.59
CA ASP A 448 -14.16 -12.25 4.20
C ASP A 448 -13.51 -13.50 3.62
N ALA A 449 -14.05 -14.01 2.53
CA ALA A 449 -13.41 -15.11 1.82
C ALA A 449 -12.01 -14.75 1.33
N TYR A 450 -11.83 -13.45 1.05
CA TYR A 450 -10.53 -12.94 0.61
C TYR A 450 -9.56 -12.62 1.77
N ARG A 451 -10.01 -12.90 2.98
CA ARG A 451 -9.17 -12.85 4.20
C ARG A 451 -8.59 -11.51 4.59
N CYS A 452 -9.17 -10.44 4.09
CA CYS A 452 -8.60 -9.13 4.40
C CYS A 452 -9.42 -8.32 5.40
N VAL A 453 -10.74 -8.25 5.23
CA VAL A 453 -11.54 -7.41 6.13
C VAL A 453 -12.82 -8.14 6.52
N ASN A 454 -12.93 -8.59 7.78
CA ASN A 454 -14.19 -9.18 8.20
C ASN A 454 -15.20 -8.14 8.64
N ALA A 455 -16.48 -8.55 8.64
CA ALA A 455 -17.50 -7.66 9.18
C ALA A 455 -17.79 -8.13 10.59
N SER A 456 -18.11 -7.18 11.46
CA SER A 456 -18.52 -7.49 12.83
C SER A 456 -20.02 -7.71 12.83
N THR A 457 -20.50 -8.58 13.72
CA THR A 457 -21.92 -8.89 13.71
C THR A 457 -22.55 -8.83 15.09
N ALA A 458 -23.87 -8.73 15.08
CA ALA A 458 -24.70 -8.79 16.30
C ALA A 458 -26.03 -9.41 16.03
N ASN A 459 -26.47 -10.26 16.96
CA ASN A 459 -27.77 -10.89 16.85
C ASN A 459 -27.94 -11.70 15.56
N ALA A 460 -26.88 -12.40 15.16
CA ALA A 460 -26.93 -13.12 13.90
C ALA A 460 -26.91 -14.61 14.09
N GLU A 461 -27.57 -15.29 13.19
CA GLU A 461 -27.60 -16.72 13.20
C GLU A 461 -27.11 -17.19 11.85
N ARG A 462 -26.23 -18.20 11.87
CA ARG A 462 -25.64 -18.72 10.66
C ARG A 462 -26.63 -19.46 9.80
N VAL A 463 -26.67 -19.14 8.52
CA VAL A 463 -27.52 -19.87 7.54
C VAL A 463 -26.65 -20.17 6.35
N PRO A 464 -27.08 -21.00 5.42
CA PRO A 464 -26.22 -21.26 4.25
C PRO A 464 -25.84 -19.95 3.57
N ASN A 465 -24.53 -19.78 3.42
CA ASN A 465 -23.96 -18.64 2.69
C ASN A 465 -24.27 -17.29 3.26
N GLY A 466 -24.60 -17.22 4.54
CA GLY A 466 -24.85 -15.93 5.12
C GLY A 466 -25.40 -15.96 6.53
N LEU A 467 -26.06 -14.86 6.88
CA LEU A 467 -26.52 -14.64 8.24
C LEU A 467 -27.96 -14.18 8.29
N LYS A 468 -28.68 -14.64 9.33
CA LYS A 468 -30.04 -14.18 9.60
C LYS A 468 -30.04 -13.28 10.84
N PHE A 469 -30.59 -12.09 10.70
CA PHE A 469 -30.50 -11.10 11.77
C PHE A 469 -31.87 -10.76 12.36
N ALA A 470 -31.85 -10.34 13.60
CA ALA A 470 -33.08 -9.91 14.28
C ALA A 470 -32.78 -9.04 15.49
N GLY A 471 -33.75 -8.18 15.81
CA GLY A 471 -33.67 -7.43 17.05
C GLY A 471 -32.96 -6.10 16.97
N VAL A 472 -33.31 -5.20 17.87
CA VAL A 472 -32.60 -3.95 17.97
C VAL A 472 -31.13 -4.25 18.20
N GLY A 473 -30.26 -3.54 17.46
CA GLY A 473 -28.84 -3.75 17.51
C GLY A 473 -28.31 -4.78 16.51
N GLY A 474 -29.22 -5.44 15.81
CA GLY A 474 -28.79 -6.53 14.95
C GLY A 474 -28.20 -6.00 13.65
N GLY A 475 -27.39 -6.84 13.02
CA GLY A 475 -26.81 -6.50 11.72
C GLY A 475 -25.34 -6.80 11.67
N ALA A 476 -24.74 -6.41 10.55
CA ALA A 476 -23.30 -6.58 10.41
C ALA A 476 -22.71 -5.28 9.92
N LEU A 477 -21.48 -5.03 10.33
CA LEU A 477 -20.79 -3.81 9.98
C LEU A 477 -19.47 -4.15 9.30
N TRP A 478 -19.33 -3.70 8.04
CA TRP A 478 -18.14 -3.99 7.25
C TRP A 478 -17.38 -2.66 7.19
N PRO A 479 -16.32 -2.56 7.98
CA PRO A 479 -15.71 -1.24 8.18
C PRO A 479 -15.01 -0.68 6.95
N VAL A 480 -15.14 0.64 6.79
CA VAL A 480 -14.49 1.40 5.72
C VAL A 480 -13.55 2.36 6.48
N SER A 481 -13.94 3.60 6.78
CA SER A 481 -13.03 4.42 7.60
C SER A 481 -12.86 3.80 8.98
N GLN A 482 -13.83 3.01 9.42
CA GLN A 482 -13.68 2.33 10.72
C GLN A 482 -12.53 1.31 10.79
N GLN A 483 -11.93 0.98 9.66
CA GLN A 483 -10.73 0.16 9.67
C GLN A 483 -9.59 0.88 10.43
N GLY A 484 -9.66 2.20 10.52
CA GLY A 484 -8.71 2.97 11.33
C GLY A 484 -7.54 3.52 10.58
N GLN A 485 -6.36 3.19 11.07
CA GLN A 485 -5.15 3.75 10.50
C GLN A 485 -4.97 3.39 9.03
N ASN A 486 -5.20 2.12 8.73
CA ASN A 486 -5.05 1.60 7.37
C ASN A 486 -6.42 1.27 6.82
N GLN A 487 -6.80 1.93 5.74
CA GLN A 487 -8.17 1.88 5.21
C GLN A 487 -8.18 1.24 3.84
N ARG A 488 -8.36 -0.06 3.81
CA ARG A 488 -8.26 -0.83 2.59
C ARG A 488 -9.41 -0.59 1.62
N TYR A 489 -10.51 -0.06 2.13
CA TYR A 489 -11.68 0.16 1.31
C TYR A 489 -11.85 1.63 0.97
N HIS A 490 -10.78 2.41 1.08
CA HIS A 490 -10.86 3.82 0.75
C HIS A 490 -11.40 4.10 -0.66
N PHE A 491 -11.15 3.14 -1.55
CA PHE A 491 -11.67 3.26 -2.93
C PHE A 491 -13.16 3.47 -2.95
N ALA A 492 -13.89 3.05 -1.92
CA ALA A 492 -15.34 3.12 -2.05
C ALA A 492 -15.86 4.55 -2.09
N ASN A 493 -15.06 5.48 -1.57
CA ASN A 493 -15.40 6.91 -1.63
C ASN A 493 -15.43 7.44 -3.04
N HIS A 494 -14.90 6.65 -3.97
CA HIS A 494 -14.82 7.04 -5.37
C HIS A 494 -15.71 6.22 -6.25
N ALA A 495 -15.71 4.91 -6.05
CA ALA A 495 -16.63 4.05 -6.75
C ALA A 495 -16.68 2.69 -6.04
N PHE A 496 -17.85 2.07 -6.09
CA PHE A 496 -17.99 0.71 -5.56
C PHE A 496 -19.27 0.05 -6.10
N THR A 497 -19.34 -1.26 -5.99
CA THR A 497 -20.58 -2.01 -6.15
C THR A 497 -20.67 -2.91 -4.94
N LEU A 498 -21.85 -2.88 -4.30
CA LEU A 498 -22.13 -3.76 -3.15
C LEU A 498 -23.32 -4.62 -3.55
N VAL A 499 -23.17 -5.96 -3.46
CA VAL A 499 -24.17 -6.89 -3.96
C VAL A 499 -24.57 -7.85 -2.86
N ALA A 500 -25.87 -8.18 -2.77
CA ALA A 500 -26.29 -9.18 -1.76
C ALA A 500 -27.60 -9.82 -2.13
N SER A 501 -27.83 -11.02 -1.61
CA SER A 501 -29.17 -11.62 -1.72
C SER A 501 -29.84 -11.40 -0.35
N VAL A 502 -31.14 -11.04 -0.35
CA VAL A 502 -31.84 -10.74 0.90
C VAL A 502 -33.24 -11.34 0.94
N THR A 503 -33.70 -11.58 2.16
CA THR A 503 -35.07 -12.07 2.39
C THR A 503 -35.56 -11.37 3.64
N ILE A 504 -36.73 -10.75 3.54
CA ILE A 504 -37.32 -10.06 4.68
C ILE A 504 -38.30 -10.99 5.38
N HIS A 505 -38.17 -11.12 6.68
CA HIS A 505 -39.00 -12.10 7.42
C HIS A 505 -40.15 -11.50 8.18
N GLU A 506 -40.11 -10.20 8.40
CA GLU A 506 -41.19 -9.54 9.15
C GLU A 506 -41.41 -8.17 8.56
N VAL A 507 -42.68 -7.80 8.39
CA VAL A 507 -43.03 -6.48 7.94
C VAL A 507 -42.70 -5.52 9.07
N PRO A 508 -41.96 -4.45 8.76
CA PRO A 508 -41.48 -3.55 9.80
C PRO A 508 -42.57 -2.57 10.27
N LYS A 509 -42.34 -2.00 11.43
CA LYS A 509 -43.25 -1.00 11.97
C LYS A 509 -43.20 0.31 11.20
N GLY A 510 -42.03 0.64 10.65
CA GLY A 510 -41.87 1.89 9.90
C GLY A 510 -41.02 1.64 8.67
N ALA A 511 -39.78 2.15 8.68
CA ALA A 511 -38.78 1.82 7.64
C ALA A 511 -37.54 1.26 8.33
N SER A 512 -37.02 0.13 7.81
CA SER A 512 -35.86 -0.50 8.44
C SER A 512 -34.79 -0.70 7.41
N PRO A 513 -33.54 -0.66 7.85
CA PRO A 513 -32.44 -0.81 6.90
C PRO A 513 -32.18 -2.24 6.48
N LEU A 514 -31.70 -2.38 5.25
CA LEU A 514 -31.29 -3.67 4.73
C LEU A 514 -29.80 -3.67 4.35
N LEU A 515 -29.34 -2.65 3.62
CA LEU A 515 -27.96 -2.63 3.10
C LEU A 515 -27.61 -1.22 2.75
N GLY A 516 -26.37 -0.82 2.98
CA GLY A 516 -26.03 0.52 2.57
C GLY A 516 -24.62 0.91 2.95
N ALA A 517 -24.22 2.09 2.49
CA ALA A 517 -22.95 2.72 2.82
C ALA A 517 -23.25 3.90 3.71
N SER A 518 -22.70 3.90 4.92
CA SER A 518 -22.94 4.98 5.87
C SER A 518 -21.79 5.95 5.93
N LEU A 519 -22.10 7.25 5.98
CA LEU A 519 -21.06 8.27 6.11
C LEU A 519 -20.67 8.50 7.55
N ASP A 520 -21.52 8.16 8.51
CA ASP A 520 -21.15 8.34 9.91
C ASP A 520 -21.19 7.00 10.67
N SER A 521 -20.80 7.04 11.94
CA SER A 521 -20.76 5.78 12.68
C SER A 521 -22.13 5.19 12.96
N SER A 522 -23.16 6.03 13.05
CA SER A 522 -24.47 5.52 13.43
C SER A 522 -25.21 4.79 12.30
N GLY A 523 -25.00 5.23 11.08
CA GLY A 523 -25.85 4.74 10.00
C GLY A 523 -26.92 5.76 9.62
N GLY A 524 -27.06 6.81 10.43
CA GLY A 524 -28.09 7.79 10.20
C GLY A 524 -27.81 8.76 9.08
N LYS A 525 -26.52 8.96 8.77
CA LYS A 525 -26.13 9.80 7.65
C LYS A 525 -25.60 8.87 6.57
N LYS A 526 -26.45 8.61 5.58
CA LYS A 526 -26.08 7.64 4.55
C LYS A 526 -25.53 8.26 3.28
N LEU A 527 -24.66 7.51 2.61
CA LEU A 527 -24.24 7.88 1.27
C LEU A 527 -25.25 7.26 0.29
N LEU A 528 -25.51 5.96 0.44
CA LEU A 528 -26.42 5.24 -0.48
C LEU A 528 -26.87 4.00 0.26
N GLY A 529 -28.19 3.80 0.33
CA GLY A 529 -28.68 2.64 1.06
C GLY A 529 -30.03 2.18 0.57
N LEU A 530 -30.41 1.01 1.07
CA LEU A 530 -31.72 0.46 0.78
C LEU A 530 -32.39 0.08 2.09
N SER A 531 -33.59 0.62 2.31
CA SER A 531 -34.42 0.24 3.41
C SER A 531 -35.73 -0.34 2.87
N TYR A 532 -36.57 -0.84 3.77
CA TYR A 532 -37.85 -1.40 3.32
C TYR A 532 -38.88 -0.93 4.36
N ASP A 533 -40.14 -0.81 3.95
CA ASP A 533 -41.13 -0.23 4.87
C ASP A 533 -42.42 -1.01 5.11
N LYS A 534 -43.27 -0.41 5.93
CA LYS A 534 -44.50 -1.09 6.34
C LYS A 534 -45.56 -1.21 5.25
N ARG A 535 -45.42 -0.49 4.15
CA ARG A 535 -46.37 -0.62 3.05
C ARG A 535 -45.77 -1.51 1.98
N HIS A 536 -44.82 -2.36 2.40
CA HIS A 536 -44.21 -3.31 1.48
C HIS A 536 -43.47 -2.69 0.31
N GLN A 537 -42.95 -1.47 0.52
CA GLN A 537 -42.19 -0.80 -0.52
C GLN A 537 -40.71 -0.71 -0.19
N TRP A 538 -39.90 -0.60 -1.23
CA TRP A 538 -38.48 -0.30 -1.05
C TRP A 538 -38.27 1.18 -0.73
N GLN A 539 -37.24 1.49 0.03
CA GLN A 539 -36.90 2.90 0.29
C GLN A 539 -35.43 3.07 -0.02
N PRO A 540 -35.11 3.38 -1.28
CA PRO A 540 -33.70 3.63 -1.61
C PRO A 540 -33.39 5.01 -1.07
N ILE A 541 -32.17 5.20 -0.56
CA ILE A 541 -31.77 6.45 0.06
C ILE A 541 -30.56 6.98 -0.67
N TYR A 542 -30.68 8.19 -1.20
CA TYR A 542 -29.64 8.79 -1.99
C TYR A 542 -29.13 9.95 -1.19
N GLY A 543 -27.99 9.74 -0.55
CA GLY A 543 -27.43 10.76 0.33
C GLY A 543 -28.46 11.26 1.34
N SER A 544 -28.54 12.58 1.46
CA SER A 544 -29.49 13.16 2.40
C SER A 544 -30.72 13.68 1.66
N THR A 545 -30.89 13.27 0.40
CA THR A 545 -32.06 13.60 -0.40
C THR A 545 -33.34 13.00 0.19
N PRO A 546 -34.45 13.73 0.15
CA PRO A 546 -35.73 13.16 0.57
C PRO A 546 -35.97 11.78 -0.06
N VAL A 547 -36.47 10.84 0.74
CA VAL A 547 -36.71 9.46 0.34
C VAL A 547 -38.08 9.28 -0.30
N THR A 548 -38.07 8.72 -1.50
CA THR A 548 -39.33 8.37 -2.16
C THR A 548 -39.44 6.85 -2.18
N PRO A 549 -40.42 6.30 -1.49
CA PRO A 549 -40.64 4.85 -1.53
C PRO A 549 -41.05 4.42 -2.95
N THR A 550 -40.73 3.19 -3.33
CA THR A 550 -41.05 2.76 -4.67
C THR A 550 -41.05 1.25 -4.76
N GLY A 551 -41.74 0.74 -5.77
CA GLY A 551 -41.82 -0.69 -6.01
C GLY A 551 -42.55 -1.46 -4.93
N SER A 552 -42.32 -2.77 -4.90
CA SER A 552 -42.95 -3.58 -3.88
C SER A 552 -42.22 -4.89 -3.71
N TRP A 553 -42.27 -5.39 -2.49
CA TRP A 553 -41.72 -6.68 -2.16
C TRP A 553 -42.71 -7.48 -1.34
N GLU A 554 -42.50 -8.79 -1.27
CA GLU A 554 -43.35 -9.70 -0.52
C GLU A 554 -42.52 -10.35 0.59
N MET A 555 -43.12 -10.48 1.78
CA MET A 555 -42.45 -11.11 2.89
C MET A 555 -42.09 -12.56 2.54
N GLY A 556 -40.86 -12.93 2.86
CA GLY A 556 -40.38 -14.30 2.66
C GLY A 556 -39.85 -14.62 1.29
N LYS A 557 -39.93 -13.65 0.40
CA LYS A 557 -39.44 -13.83 -0.94
C LYS A 557 -38.03 -13.31 -0.99
N ARG A 558 -37.17 -14.05 -1.65
CA ARG A 558 -35.80 -13.57 -1.72
C ARG A 558 -35.57 -12.66 -2.95
N TYR A 559 -34.77 -11.63 -2.70
CA TYR A 559 -34.46 -10.62 -3.71
C TYR A 559 -32.97 -10.47 -3.82
N HIS A 560 -32.52 -9.99 -4.98
CA HIS A 560 -31.11 -9.70 -5.26
C HIS A 560 -30.96 -8.18 -5.27
N VAL A 561 -29.98 -7.67 -4.51
CA VAL A 561 -29.81 -6.22 -4.39
C VAL A 561 -28.45 -5.83 -4.88
N VAL A 562 -28.40 -4.75 -5.67
CA VAL A 562 -27.11 -4.17 -6.05
C VAL A 562 -27.12 -2.69 -5.77
N LEU A 563 -26.09 -2.20 -5.08
CA LEU A 563 -25.93 -0.76 -4.89
C LEU A 563 -24.68 -0.39 -5.65
N THR A 564 -24.78 0.63 -6.51
CA THR A 564 -23.54 1.08 -7.16
C THR A 564 -23.36 2.56 -6.98
N MET A 565 -22.11 2.98 -6.96
CA MET A 565 -21.80 4.39 -6.92
C MET A 565 -20.59 4.64 -7.77
N ALA A 566 -20.69 5.58 -8.71
CA ALA A 566 -19.51 6.05 -9.44
C ALA A 566 -19.89 7.40 -9.97
N ASN A 567 -18.89 8.25 -10.17
CA ASN A 567 -19.08 9.58 -10.76
C ASN A 567 -20.12 10.37 -9.97
N LYS A 568 -20.10 10.17 -8.66
CA LYS A 568 -20.99 10.83 -7.69
C LYS A 568 -22.48 10.47 -7.81
N ILE A 569 -22.79 9.39 -8.54
CA ILE A 569 -24.15 8.91 -8.73
C ILE A 569 -24.35 7.56 -8.12
N GLY A 570 -25.45 7.43 -7.38
CA GLY A 570 -25.82 6.16 -6.77
C GLY A 570 -27.02 5.53 -7.42
N SER A 571 -26.97 4.21 -7.60
CA SER A 571 -28.10 3.46 -8.17
C SER A 571 -28.39 2.25 -7.32
N VAL A 572 -29.64 1.81 -7.37
CA VAL A 572 -30.12 0.67 -6.62
C VAL A 572 -30.88 -0.26 -7.56
N TYR A 573 -30.46 -1.52 -7.60
CA TYR A 573 -31.10 -2.55 -8.45
C TYR A 573 -31.70 -3.62 -7.59
N ILE A 574 -32.90 -4.07 -7.97
CA ILE A 574 -33.57 -5.17 -7.32
C ILE A 574 -33.81 -6.20 -8.42
N ASP A 575 -33.31 -7.40 -8.21
CA ASP A 575 -33.42 -8.46 -9.22
C ASP A 575 -32.90 -8.07 -10.60
N GLY A 576 -31.77 -7.35 -10.58
CA GLY A 576 -31.07 -6.98 -11.77
C GLY A 576 -31.61 -5.76 -12.48
N GLU A 577 -32.67 -5.15 -11.93
CA GLU A 577 -33.29 -4.00 -12.59
C GLU A 577 -33.29 -2.75 -11.72
N PRO A 578 -32.92 -1.62 -12.29
CA PRO A 578 -32.89 -0.40 -11.48
C PRO A 578 -34.26 -0.04 -10.97
N LEU A 579 -34.32 0.46 -9.75
CA LEU A 579 -35.57 0.95 -9.21
C LEU A 579 -35.91 2.20 -10.00
N GLU A 580 -37.20 2.54 -10.03
CA GLU A 580 -37.65 3.74 -10.68
C GLU A 580 -37.00 4.94 -10.00
N GLY A 581 -36.49 5.87 -10.79
CA GLY A 581 -35.92 7.08 -10.24
C GLY A 581 -34.53 6.89 -9.67
N SER A 582 -33.90 5.76 -9.95
CA SER A 582 -32.55 5.54 -9.42
C SER A 582 -31.53 6.28 -10.26
N GLY A 583 -30.25 6.25 -9.86
CA GLY A 583 -29.26 7.03 -10.58
C GLY A 583 -29.29 8.49 -10.14
N GLN A 584 -29.15 8.74 -8.84
CA GLN A 584 -29.24 10.11 -8.32
C GLN A 584 -27.90 10.55 -7.76
N THR A 585 -27.68 11.87 -7.64
CA THR A 585 -26.44 12.35 -7.08
C THR A 585 -26.37 12.09 -5.59
N VAL A 586 -25.30 11.41 -5.17
CA VAL A 586 -25.17 11.13 -3.74
C VAL A 586 -23.99 11.85 -3.10
N VAL A 587 -23.17 12.51 -3.92
CA VAL A 587 -22.02 13.31 -3.44
C VAL A 587 -22.37 14.74 -3.86
N PRO A 588 -22.87 15.52 -2.92
CA PRO A 588 -23.48 16.82 -3.24
C PRO A 588 -22.54 17.98 -3.55
N ASP A 589 -21.27 17.89 -3.21
CA ASP A 589 -20.40 19.03 -3.46
C ASP A 589 -18.98 18.59 -3.76
N GLU A 590 -18.04 19.51 -3.61
CA GLU A 590 -16.63 19.22 -3.88
C GLU A 590 -15.94 18.23 -2.90
N ARG A 591 -16.51 18.06 -1.72
CA ARG A 591 -15.89 17.19 -0.72
C ARG A 591 -15.98 15.73 -1.15
N THR A 592 -14.90 15.00 -0.94
CA THR A 592 -14.89 13.58 -1.20
C THR A 592 -15.54 12.92 0.02
N PRO A 593 -16.40 11.94 -0.23
CA PRO A 593 -17.03 11.22 0.89
C PRO A 593 -15.98 10.56 1.75
N ASP A 594 -16.36 10.31 3.00
CA ASP A 594 -15.54 9.54 3.90
C ASP A 594 -16.45 8.49 4.51
N ILE A 595 -16.65 7.38 3.79
CA ILE A 595 -17.58 6.34 4.24
C ILE A 595 -17.06 5.70 5.51
N SER A 596 -17.95 5.57 6.50
CA SER A 596 -17.60 4.95 7.77
C SER A 596 -17.59 3.43 7.63
N HIS A 597 -18.67 2.89 7.06
CA HIS A 597 -18.81 1.46 6.96
C HIS A 597 -19.96 1.11 6.03
N PHE A 598 -19.99 -0.15 5.63
CA PHE A 598 -21.20 -0.68 5.03
C PHE A 598 -21.99 -1.35 6.14
N TYR A 599 -23.30 -1.14 6.15
CA TYR A 599 -24.14 -1.87 7.10
C TYR A 599 -24.96 -2.90 6.33
N VAL A 600 -25.16 -4.06 6.93
CA VAL A 600 -25.80 -5.16 6.24
C VAL A 600 -26.79 -5.81 7.21
N GLY A 601 -28.05 -5.91 6.83
CA GLY A 601 -29.01 -6.66 7.67
C GLY A 601 -29.44 -5.96 8.96
N GLY A 602 -29.23 -4.66 9.03
CA GLY A 602 -29.51 -3.87 10.22
C GLY A 602 -28.43 -2.81 10.30
N TYR A 603 -28.47 -1.96 11.33
CA TYR A 603 -27.42 -0.99 11.52
C TYR A 603 -26.27 -1.51 12.41
N LYS A 604 -26.48 -2.64 13.11
CA LYS A 604 -25.57 -3.16 14.11
C LYS A 604 -25.32 -2.09 15.18
N ARG A 605 -26.40 -1.40 15.49
CA ARG A 605 -26.35 -0.33 16.52
C ARG A 605 -27.59 -0.41 17.41
N SER A 606 -27.35 -0.76 18.67
CA SER A 606 -28.40 -0.90 19.65
C SER A 606 -29.06 0.45 19.89
N GLY A 607 -28.31 1.52 19.63
CA GLY A 607 -28.82 2.88 19.74
C GLY A 607 -29.84 3.29 18.68
N MET A 608 -29.81 2.62 17.53
CA MET A 608 -30.82 2.87 16.52
C MET A 608 -31.94 1.90 16.91
N PRO A 609 -33.16 2.38 16.92
CA PRO A 609 -34.28 1.60 17.47
C PRO A 609 -34.89 0.62 16.47
N THR A 610 -34.40 0.57 15.23
CA THR A 610 -34.99 -0.29 14.21
C THR A 610 -34.73 -1.74 14.51
N ASP A 611 -35.59 -2.59 13.99
CA ASP A 611 -35.48 -4.02 14.15
C ASP A 611 -35.59 -4.60 12.76
N SER A 612 -34.47 -4.97 12.14
CA SER A 612 -34.53 -5.57 10.83
C SER A 612 -34.49 -7.11 10.96
N ARG A 613 -35.53 -7.79 10.55
CA ARG A 613 -35.56 -9.25 10.65
C ARG A 613 -35.41 -9.74 9.23
N VAL A 614 -34.17 -10.07 8.87
CA VAL A 614 -33.88 -10.38 7.47
C VAL A 614 -32.70 -11.34 7.36
N THR A 615 -32.63 -12.06 6.25
CA THR A 615 -31.47 -12.91 6.00
C THR A 615 -30.72 -12.27 4.85
N VAL A 616 -29.40 -12.23 4.96
CA VAL A 616 -28.56 -11.71 3.89
C VAL A 616 -27.51 -12.72 3.53
N ASN A 617 -27.35 -13.00 2.23
CA ASN A 617 -26.35 -13.97 1.83
C ASN A 617 -25.43 -13.41 0.76
N ASN A 618 -24.19 -13.91 0.72
CA ASN A 618 -23.27 -13.64 -0.37
C ASN A 618 -23.12 -12.17 -0.71
N VAL A 619 -22.48 -11.44 0.21
CA VAL A 619 -22.27 -10.01 0.01
C VAL A 619 -20.97 -9.81 -0.74
N LEU A 620 -21.03 -9.19 -1.92
CA LEU A 620 -19.81 -8.94 -2.68
C LEU A 620 -19.52 -7.46 -2.73
N LEU A 621 -18.23 -7.13 -2.65
CA LEU A 621 -17.81 -5.72 -2.75
C LEU A 621 -16.81 -5.58 -3.88
N TYR A 622 -17.12 -4.71 -4.84
CA TYR A 622 -16.18 -4.42 -5.95
C TYR A 622 -15.72 -2.98 -5.88
N ASN A 623 -14.52 -2.71 -6.40
CA ASN A 623 -13.96 -1.37 -6.38
C ASN A 623 -14.27 -0.57 -7.66
N ARG A 624 -15.40 -0.89 -8.29
CA ARG A 624 -15.82 -0.15 -9.48
C ARG A 624 -17.30 -0.32 -9.62
N GLN A 625 -17.89 0.45 -10.53
CA GLN A 625 -19.31 0.31 -10.82
C GLN A 625 -19.47 -0.78 -11.87
N LEU A 626 -20.13 -1.88 -11.50
CA LEU A 626 -20.33 -2.97 -12.45
C LEU A 626 -21.25 -2.48 -13.57
N ASN A 627 -21.06 -3.09 -14.72
CA ASN A 627 -21.90 -2.80 -15.87
C ASN A 627 -23.19 -3.63 -15.83
N ALA A 628 -24.13 -3.31 -16.71
CA ALA A 628 -25.44 -3.98 -16.72
C ALA A 628 -25.35 -5.51 -16.87
N GLU A 629 -24.48 -5.97 -17.75
CA GLU A 629 -24.34 -7.41 -17.97
C GLU A 629 -23.78 -8.09 -16.74
N GLU A 630 -22.82 -7.43 -16.10
CA GLU A 630 -22.23 -8.04 -14.92
C GLU A 630 -23.27 -8.14 -13.81
N ILE A 631 -24.12 -7.14 -13.69
CA ILE A 631 -25.17 -7.14 -12.66
C ILE A 631 -26.18 -8.25 -12.96
N ARG A 632 -26.54 -8.35 -14.23
CA ARG A 632 -27.48 -9.37 -14.64
C ARG A 632 -26.90 -10.76 -14.36
N THR A 633 -25.63 -10.94 -14.66
CA THR A 633 -25.01 -12.23 -14.45
C THR A 633 -25.00 -12.58 -12.95
N LEU A 634 -24.68 -11.61 -12.09
CA LEU A 634 -24.68 -11.91 -10.67
C LEU A 634 -26.08 -12.27 -10.19
N PHE A 635 -27.08 -11.56 -10.70
CA PHE A 635 -28.44 -11.86 -10.33
C PHE A 635 -28.78 -13.29 -10.72
N LEU A 636 -28.52 -13.63 -11.97
CA LEU A 636 -28.87 -14.97 -12.43
C LEU A 636 -28.08 -16.08 -11.73
N SER A 637 -26.88 -15.77 -11.25
CA SER A 637 -26.02 -16.79 -10.68
C SER A 637 -26.01 -16.77 -9.14
N GLN A 638 -26.97 -16.08 -8.54
CA GLN A 638 -26.84 -15.86 -7.09
C GLN A 638 -26.84 -17.13 -6.25
N ASP A 639 -27.39 -18.21 -6.79
CA ASP A 639 -27.44 -19.46 -6.03
C ASP A 639 -26.29 -20.38 -6.33
N LEU A 640 -25.32 -19.92 -7.12
CA LEU A 640 -24.18 -20.73 -7.48
C LEU A 640 -22.89 -20.22 -6.86
N ILE A 641 -22.88 -18.96 -6.37
CA ILE A 641 -21.60 -18.34 -5.95
C ILE A 641 -21.10 -18.61 -4.52
N GLY A 642 -21.95 -19.19 -3.70
CA GLY A 642 -21.62 -19.29 -2.29
C GLY A 642 -20.42 -20.15 -1.93
N THR A 643 -19.81 -19.91 -0.77
CA THR A 643 -18.66 -20.72 -0.37
C THR A 643 -19.03 -22.00 0.39
N GLU A 644 -20.31 -22.16 0.72
CA GLU A 644 -20.78 -23.28 1.56
C GLU A 644 -20.16 -24.65 1.36
N ALA A 645 -20.19 -25.15 0.14
CA ALA A 645 -19.72 -26.53 -0.07
C ALA A 645 -18.23 -26.69 0.09
N HIS A 646 -17.51 -25.58 0.16
CA HIS A 646 -16.06 -25.62 0.26
C HIS A 646 -15.51 -25.33 1.65
C1 GLC B . 12.72 18.53 14.46
C2 GLC B . 12.84 17.16 15.11
C3 GLC B . 13.75 16.25 14.32
C4 GLC B . 13.21 16.19 12.90
C5 GLC B . 13.06 17.58 12.31
C6 GLC B . 12.33 17.58 10.97
O1 GLC B . 14.00 19.11 14.33
O2 GLC B . 13.41 17.31 16.41
O3 GLC B . 13.72 14.95 14.92
O4 GLC B . 14.16 15.58 12.04
O5 GLC B . 12.20 18.34 13.15
O6 GLC B . 13.19 17.21 9.88
C1 GAL B . 14.01 14.19 11.81
C2 GAL B . 14.65 13.86 10.47
C3 GAL B . 14.61 12.35 10.23
C4 GAL B . 15.21 11.63 11.44
C5 GAL B . 14.58 12.11 12.74
C6 GAL B . 15.23 11.44 13.95
O2 GAL B . 13.87 14.52 9.48
O3 GAL B . 15.30 11.94 9.05
O4 GAL B . 16.61 11.89 11.44
O5 GAL B . 14.69 13.51 12.84
O6 GAL B . 14.44 11.82 15.08
C1 SIA B . 13.60 10.31 8.72
C2 SIA B . 14.64 11.18 8.05
C3 SIA B . 15.62 10.24 7.35
C4 SIA B . 16.36 10.84 6.14
C5 SIA B . 16.12 12.33 6.06
C6 SIA B . 14.60 12.58 6.04
C7 SIA B . 14.21 14.05 5.95
C8 SIA B . 12.71 14.24 6.02
C9 SIA B . 12.40 15.74 5.97
C10 SIA B . 17.39 14.08 4.89
C11 SIA B . 18.18 14.43 3.67
N5 SIA B . 16.77 12.91 4.87
O1A SIA B . 14.00 9.40 9.47
O1B SIA B . 12.37 10.53 8.60
O4 SIA B . 17.76 10.66 6.31
O6 SIA B . 13.95 12.03 7.18
O7 SIA B . 14.82 14.81 6.98
O8 SIA B . 12.09 13.53 4.94
O9 SIA B . 12.84 16.33 4.72
O10 SIA B . 17.34 14.89 5.82
#